data_5EBE
#
_entry.id   5EBE
#
_cell.length_a   147.654
_cell.length_b   147.654
_cell.length_c   142.298
_cell.angle_alpha   90.00
_cell.angle_beta   90.00
_cell.angle_gamma   120.00
#
_symmetry.space_group_name_H-M   'P 32 2 1'
#
loop_
_entity.id
_entity.type
_entity.pdbx_description
1 polymer 'Acid sphingomyelinase-like phosphodiesterase 3a'
2 polymer 'Acid sphingomyelinase-like phosphodiesterase 3a'
3 branched 2-acetamido-2-deoxy-beta-D-glucopyranose-(1-4)-2-acetamido-2-deoxy-beta-D-glucopyranose
4 non-polymer 2-acetamido-2-deoxy-beta-D-glucopyranose
5 non-polymer 'ZINC ION'
6 non-polymer "CYTIDINE-5'-MONOPHOSPHATE"
7 non-polymer GLYCEROL
8 non-polymer 'MALONATE ION'
9 non-polymer 5-O-phosphono-beta-D-ribofuranose
10 non-polymer 'THIOCYANATE ION'
11 water water
#
loop_
_entity_poly.entity_id
_entity_poly.type
_entity_poly.pdbx_seq_one_letter_code
_entity_poly.pdbx_strand_id
1 'polypeptide(L)'
;PPPAIGQFWHVTDLHLDPTYHITDDHTKVCASSKGANASNPGPFGDVLCDSPYQLILSAFDFIKNSGQEASFMIWTGDSP
PHVPVPELSTDTVINVITNMTTTIQSLFPNLQVFPALGNHDYWPQDQLPVVTSKVYNAVANLWKPWLDEEAISTLRKGGF
YSQKVTTNPNLRIISLNTNLYYGPNIMTLNKTDPANQFEWLESTLNNSQQNKEKVYIIAHVPVGYLPSSQNITAMREYYN
EKLIDIFQKYSDVIAGQFYGHTHRDSIMVLSDKKGSPVNSLFVAPAVTPVKSVLEKQTNNPGIRLFQYDPRDYKLLDMLQ
YYLNLTEANLKGESIWKLEYILTQTYDIEDLQPESLYGLAKQFTILDSKQFIKYYNYFFVSYDSSVTCDKTCKAFQICAI
MNLDNISYADCLKQLYIK
;
A
2 'polypeptide(L)'
;PPPAIGQFWHVTDLHLDPTYHITDDHTKVCASSKGANASNPGPFGDVLCDSPYQLILSAFDFIKNSGQEASFMIWTGDSP
PHVPVPELSTDTVINVITNMTTTIQSLFPNLQVFPALGNHDYWPQDQLPVVTSKVYNAVANLWKPWLDEEAISTLRKGGF
YSQKVTTNPNLRIISLNTNLYYGPNIMTLNKTDPANQFEWLESTLNNSQQNKEKVYIIAHVPVGYLPSSQNITAMREYYN
EKLIDIFQKYSDVIAGQFYGHTHRDSIMVLSDKKGSPVNSLFVAPAVTPVKSVLEKQTNNPGIRLFQYDPRDYKLLDMLQ
YYLNLTEANLKGESIWKLEYILTQTYDIEDLQPESLYGLAKQFTILDSKQFIKYYNYFFVSYDSSVTCDKTCKAFQICAI
MNLDNISYADCLKQL
;
B,C
#
# COMPACT_ATOMS: atom_id res chain seq x y z
N PRO A 1 -14.81 -5.93 12.79
CA PRO A 1 -13.80 -5.75 11.74
C PRO A 1 -13.25 -4.29 11.66
N PRO A 2 -11.92 -4.13 11.44
CA PRO A 2 -11.26 -2.82 11.49
C PRO A 2 -10.94 -2.26 10.12
N PRO A 3 -11.14 -0.95 9.91
CA PRO A 3 -11.14 -0.38 8.54
C PRO A 3 -9.75 -0.08 7.92
N ALA A 4 -8.75 0.10 8.77
CA ALA A 4 -7.36 0.11 8.33
C ALA A 4 -6.49 -0.43 9.47
N ILE A 5 -5.37 -1.03 9.06
CA ILE A 5 -4.42 -1.69 9.95
C ILE A 5 -3.22 -0.79 10.24
N GLY A 6 -3.00 -0.51 11.53
CA GLY A 6 -1.76 0.13 11.99
C GLY A 6 -0.65 -0.91 12.11
N GLN A 7 0.57 -0.53 11.76
CA GLN A 7 1.71 -1.44 11.82
C GLN A 7 2.93 -0.74 12.37
N PHE A 8 3.68 -1.42 13.24
CA PHE A 8 4.97 -0.91 13.68
C PHE A 8 5.96 -2.01 13.89
N TRP A 9 7.23 -1.68 13.75
CA TRP A 9 8.30 -2.66 13.82
C TRP A 9 8.83 -2.67 15.22
N HIS A 10 9.43 -3.80 15.60
CA HIS A 10 10.13 -3.91 16.88
C HIS A 10 11.44 -4.58 16.61
N VAL A 11 12.52 -3.83 16.85
CA VAL A 11 13.87 -4.35 16.70
C VAL A 11 14.54 -4.27 18.06
N THR A 12 15.37 -5.27 18.36
CA THR A 12 16.05 -5.24 19.63
C THR A 12 17.37 -5.99 19.68
N ASP A 13 18.14 -5.66 20.72
CA ASP A 13 19.45 -6.24 21.01
C ASP A 13 20.26 -6.43 19.71
N LEU A 14 20.62 -5.28 19.13
CA LEU A 14 21.38 -5.25 17.89
C LEU A 14 22.79 -5.78 18.15
N HIS A 15 23.39 -5.37 19.28
CA HIS A 15 24.70 -5.89 19.71
C HIS A 15 25.67 -5.97 18.51
N LEU A 16 26.07 -4.79 18.05
CA LEU A 16 27.06 -4.62 16.97
C LEU A 16 28.46 -4.91 17.49
N ASP A 17 29.23 -5.66 16.73
CA ASP A 17 30.59 -5.95 17.04
C ASP A 17 31.33 -5.32 15.92
N PRO A 18 31.92 -4.10 16.22
CA PRO A 18 32.62 -3.45 15.11
C PRO A 18 33.89 -4.10 14.64
N THR A 19 34.29 -5.14 15.35
CA THR A 19 35.49 -5.89 15.10
C THR A 19 35.38 -6.96 14.08
N TYR A 20 34.19 -7.43 13.90
CA TYR A 20 33.95 -8.53 13.06
C TYR A 20 34.59 -8.40 11.76
N HIS A 21 35.02 -9.53 11.25
CA HIS A 21 35.56 -9.66 9.96
C HIS A 21 35.94 -11.07 9.87
N ILE A 22 35.91 -11.58 8.67
CA ILE A 22 36.41 -12.88 8.24
C ILE A 22 37.93 -12.88 8.10
N THR A 23 38.57 -13.82 8.77
CA THR A 23 40.01 -14.04 8.65
C THR A 23 40.27 -15.52 8.98
N ASP A 24 41.45 -16.01 8.63
CA ASP A 24 41.70 -17.46 8.75
C ASP A 24 41.92 -17.97 10.19
N ASP A 25 42.36 -17.09 11.08
CA ASP A 25 42.43 -17.40 12.52
C ASP A 25 41.08 -17.06 13.15
N HIS A 26 40.30 -18.09 13.41
CA HIS A 26 38.94 -17.94 13.91
C HIS A 26 38.86 -17.40 15.35
N THR A 27 39.97 -17.36 16.06
CA THR A 27 39.98 -16.71 17.36
C THR A 27 39.97 -15.19 17.20
N LYS A 28 40.30 -14.71 16.00
CA LYS A 28 40.47 -13.27 15.75
C LYS A 28 39.31 -12.64 15.00
N VAL A 29 38.41 -13.46 14.46
CA VAL A 29 37.24 -12.99 13.72
C VAL A 29 36.42 -11.90 14.45
N CYS A 30 36.20 -12.06 15.74
CA CYS A 30 35.42 -11.07 16.44
C CYS A 30 35.75 -11.08 17.91
N ALA A 31 35.86 -9.89 18.46
CA ALA A 31 36.25 -9.75 19.84
C ALA A 31 35.19 -10.35 20.81
N SER A 32 33.92 -10.33 20.41
CA SER A 32 32.86 -10.85 21.29
C SER A 32 33.04 -12.32 21.60
N SER A 33 33.61 -13.09 20.66
CA SER A 33 33.88 -14.51 20.91
C SER A 33 34.90 -14.68 22.03
N LYS A 34 35.57 -13.60 22.40
CA LYS A 34 36.51 -13.58 23.50
C LYS A 34 37.61 -14.64 23.40
N GLY A 35 38.07 -14.89 22.18
CA GLY A 35 39.23 -15.70 22.09
C GLY A 35 38.91 -17.09 21.63
N ALA A 36 37.64 -17.47 21.72
CA ALA A 36 37.23 -18.79 21.20
C ALA A 36 37.19 -18.78 19.68
N ASN A 37 37.41 -19.95 19.09
CA ASN A 37 37.27 -20.10 17.66
C ASN A 37 35.82 -19.89 17.32
N ALA A 38 35.58 -18.95 16.43
CA ALA A 38 34.24 -18.69 15.94
C ALA A 38 33.83 -19.96 15.22
N SER A 39 32.61 -20.43 15.49
CA SER A 39 32.25 -21.78 15.11
C SER A 39 32.38 -21.99 13.62
N ASN A 40 31.74 -21.12 12.84
CA ASN A 40 31.73 -21.26 11.40
C ASN A 40 31.33 -19.98 10.72
N PRO A 41 32.25 -19.01 10.69
CA PRO A 41 31.85 -17.64 10.52
C PRO A 41 31.56 -17.32 9.08
N GLY A 42 30.66 -16.38 8.85
CA GLY A 42 30.38 -15.87 7.53
C GLY A 42 30.15 -14.37 7.52
N PRO A 43 29.77 -13.84 6.35
CA PRO A 43 29.57 -12.40 6.17
C PRO A 43 28.43 -11.83 7.02
N PHE A 44 27.46 -12.66 7.42
CA PHE A 44 26.36 -12.20 8.28
C PHE A 44 26.46 -12.63 9.73
N GLY A 45 27.51 -13.40 10.06
CA GLY A 45 27.95 -13.56 11.43
C GLY A 45 28.23 -14.98 11.84
N ASP A 46 28.33 -15.18 13.15
CA ASP A 46 28.61 -16.49 13.71
C ASP A 46 27.94 -16.63 15.06
N VAL A 47 27.52 -17.84 15.42
CA VAL A 47 26.76 -18.01 16.65
C VAL A 47 27.53 -17.56 17.90
N LEU A 48 28.86 -17.55 17.80
CA LEU A 48 29.74 -17.21 18.93
C LEU A 48 30.14 -15.73 18.92
N CYS A 49 29.70 -15.02 17.88
CA CYS A 49 30.05 -13.64 17.64
C CYS A 49 28.80 -12.80 17.66
N ASP A 50 28.90 -11.63 18.26
CA ASP A 50 27.90 -10.62 18.07
C ASP A 50 27.74 -10.15 16.61
N SER A 51 26.82 -9.23 16.37
CA SER A 51 26.42 -8.88 14.99
C SER A 51 27.49 -8.13 14.23
N PRO A 52 27.91 -8.63 13.05
CA PRO A 52 28.74 -7.80 12.14
C PRO A 52 27.86 -6.77 11.55
N TYR A 53 28.41 -5.62 11.20
CA TYR A 53 27.58 -4.51 10.71
C TYR A 53 26.62 -4.87 9.59
N GLN A 54 27.02 -5.80 8.76
CA GLN A 54 26.27 -6.12 7.58
C GLN A 54 25.00 -6.93 7.85
N LEU A 55 24.98 -7.61 8.99
CA LEU A 55 23.80 -8.34 9.42
C LEU A 55 22.80 -7.29 9.83
N ILE A 56 23.22 -6.41 10.72
CA ILE A 56 22.38 -5.33 11.19
C ILE A 56 21.85 -4.56 10.02
N LEU A 57 22.70 -4.39 9.02
CA LEU A 57 22.33 -3.63 7.86
C LEU A 57 21.24 -4.33 7.07
N SER A 58 21.44 -5.61 6.81
CA SER A 58 20.49 -6.38 6.03
C SER A 58 19.16 -6.46 6.72
N ALA A 59 19.16 -6.45 8.04
CA ALA A 59 17.90 -6.45 8.73
C ALA A 59 17.12 -5.18 8.42
N PHE A 60 17.76 -4.03 8.57
CA PHE A 60 17.10 -2.76 8.20
C PHE A 60 16.79 -2.63 6.68
N ASP A 61 17.61 -3.27 5.85
CA ASP A 61 17.39 -3.20 4.42
C ASP A 61 16.16 -3.97 4.10
N PHE A 62 16.01 -5.16 4.70
CA PHE A 62 14.78 -5.92 4.52
C PHE A 62 13.57 -5.10 4.95
N ILE A 63 13.65 -4.36 6.03
CA ILE A 63 12.50 -3.58 6.42
C ILE A 63 12.15 -2.61 5.33
N LYS A 64 13.13 -1.81 4.91
CA LYS A 64 12.91 -0.80 3.86
C LYS A 64 12.37 -1.46 2.56
N ASN A 65 12.99 -2.54 2.10
CA ASN A 65 12.47 -3.31 0.96
C ASN A 65 11.30 -4.23 1.27
N SER A 66 10.71 -4.14 2.47
CA SER A 66 9.77 -5.17 2.93
C SER A 66 8.51 -5.18 2.10
N GLY A 67 8.01 -4.00 1.80
CA GLY A 67 6.69 -3.88 1.21
C GLY A 67 5.64 -3.93 2.29
N GLN A 68 5.96 -3.36 3.44
CA GLN A 68 5.04 -3.17 4.54
C GLN A 68 5.17 -1.71 4.84
N GLU A 69 4.11 -1.07 5.28
CA GLU A 69 4.20 0.32 5.69
C GLU A 69 4.08 0.36 7.22
N ALA A 70 4.66 1.35 7.88
CA ALA A 70 4.56 1.37 9.33
C ALA A 70 4.52 2.76 9.90
N SER A 71 3.64 2.98 10.86
CA SER A 71 3.54 4.26 11.50
C SER A 71 4.73 4.56 12.38
N PHE A 72 5.33 3.55 13.01
CA PHE A 72 6.57 3.74 13.77
C PHE A 72 7.44 2.50 13.96
N MET A 73 8.40 2.63 14.88
CA MET A 73 9.30 1.55 15.23
C MET A 73 9.68 1.70 16.68
N ILE A 74 9.82 0.56 17.32
CA ILE A 74 10.20 0.44 18.71
CA ILE A 74 10.25 0.53 18.71
C ILE A 74 11.60 -0.15 18.75
N TRP A 75 12.52 0.44 19.50
CA TRP A 75 13.88 -0.08 19.53
C TRP A 75 14.36 -0.26 20.96
N THR A 76 14.42 -1.50 21.42
CA THR A 76 14.61 -1.71 22.88
C THR A 76 16.06 -1.92 23.35
N GLY A 77 17.05 -1.46 22.59
CA GLY A 77 18.37 -1.21 23.12
C GLY A 77 19.38 -2.32 22.92
N ASP A 78 20.38 -2.35 23.83
CA ASP A 78 21.55 -3.27 23.79
C ASP A 78 22.29 -3.24 22.45
N SER A 79 23.05 -2.17 22.24
CA SER A 79 23.74 -1.95 20.96
C SER A 79 25.22 -2.30 20.95
N PRO A 80 25.93 -1.97 22.04
CA PRO A 80 27.32 -2.45 22.17
C PRO A 80 27.41 -3.95 22.34
N PRO A 81 28.51 -4.55 21.89
CA PRO A 81 28.70 -5.98 21.96
C PRO A 81 29.12 -6.50 23.35
N HIS A 82 29.18 -7.83 23.42
CA HIS A 82 29.55 -8.57 24.61
C HIS A 82 31.05 -8.81 24.58
N VAL A 83 31.75 -7.89 25.22
CA VAL A 83 33.16 -8.01 25.49
C VAL A 83 33.37 -7.44 26.90
N PRO A 84 34.48 -7.82 27.54
CA PRO A 84 34.71 -7.40 28.92
C PRO A 84 34.95 -5.90 29.04
N VAL A 85 34.59 -5.39 30.22
CA VAL A 85 34.57 -3.94 30.51
C VAL A 85 35.83 -3.19 30.10
N PRO A 86 37.01 -3.65 30.57
CA PRO A 86 38.26 -2.98 30.19
C PRO A 86 38.44 -2.84 28.71
N GLU A 87 38.03 -3.83 27.93
CA GLU A 87 38.06 -3.69 26.48
C GLU A 87 37.15 -2.59 25.91
N LEU A 88 36.26 -2.04 26.72
CA LEU A 88 35.34 -1.02 26.23
C LEU A 88 35.40 0.33 26.96
N SER A 89 34.63 1.31 26.52
CA SER A 89 34.56 2.55 27.23
C SER A 89 33.28 3.29 26.94
N THR A 90 32.97 4.27 27.77
CA THR A 90 31.87 5.20 27.52
C THR A 90 31.89 5.77 26.09
N ASP A 91 33.05 6.12 25.59
CA ASP A 91 33.09 6.75 24.27
C ASP A 91 32.80 5.73 23.19
N THR A 92 33.21 4.47 23.37
CA THR A 92 32.92 3.44 22.39
C THR A 92 31.42 3.11 22.39
N VAL A 93 30.87 3.00 23.60
CA VAL A 93 29.46 2.78 23.74
C VAL A 93 28.72 3.82 22.87
N ILE A 94 29.08 5.09 23.06
CA ILE A 94 28.39 6.17 22.37
C ILE A 94 28.61 6.12 20.86
N ASN A 95 29.82 5.80 20.43
CA ASN A 95 30.04 5.69 19.00
C ASN A 95 29.15 4.62 18.42
N VAL A 96 29.05 3.49 19.11
CA VAL A 96 28.13 2.42 18.69
C VAL A 96 26.64 2.79 18.70
N ILE A 97 26.15 3.39 19.76
CA ILE A 97 24.77 3.85 19.72
C ILE A 97 24.61 4.84 18.57
N THR A 98 25.59 5.74 18.42
CA THR A 98 25.52 6.78 17.40
C THR A 98 25.38 6.15 16.01
N ASN A 99 26.20 5.14 15.71
CA ASN A 99 26.18 4.49 14.39
C ASN A 99 24.78 3.94 14.12
N MET A 100 24.29 3.09 15.02
CA MET A 100 22.92 2.58 14.95
C MET A 100 21.92 3.73 14.72
N THR A 101 21.86 4.67 15.68
CA THR A 101 20.92 5.77 15.55
C THR A 101 21.04 6.47 14.22
N THR A 102 22.25 6.80 13.80
CA THR A 102 22.41 7.37 12.47
C THR A 102 21.92 6.42 11.37
N THR A 103 22.47 5.21 11.30
CA THR A 103 22.09 4.22 10.26
C THR A 103 20.56 4.11 10.04
N ILE A 104 19.83 4.00 11.15
CA ILE A 104 18.36 4.00 11.12
C ILE A 104 17.82 5.29 10.53
N GLN A 105 18.34 6.41 11.02
CA GLN A 105 17.84 7.72 10.62
C GLN A 105 18.08 7.95 9.13
N SER A 106 19.20 7.49 8.61
CA SER A 106 19.48 7.59 7.17
C SER A 106 18.50 6.81 6.34
N LEU A 107 18.30 5.54 6.69
CA LEU A 107 17.41 4.67 5.93
C LEU A 107 15.96 4.99 6.17
N PHE A 108 15.64 5.53 7.34
CA PHE A 108 14.25 5.77 7.73
C PHE A 108 14.08 7.22 8.17
N PRO A 109 14.30 8.14 7.21
CA PRO A 109 14.28 9.60 7.44
C PRO A 109 12.94 10.10 7.99
N ASN A 110 11.86 9.54 7.47
CA ASN A 110 10.51 9.94 7.86
C ASN A 110 9.90 9.11 9.00
N LEU A 111 10.56 8.04 9.38
CA LEU A 111 10.02 7.14 10.38
C LEU A 111 10.35 7.57 11.81
N GLN A 112 9.33 7.62 12.66
CA GLN A 112 9.53 7.87 14.08
C GLN A 112 9.95 6.55 14.72
N VAL A 113 10.79 6.65 15.73
CA VAL A 113 11.36 5.53 16.41
C VAL A 113 11.40 5.87 17.87
N PHE A 114 11.11 4.91 18.72
CA PHE A 114 11.14 5.14 20.16
C PHE A 114 12.12 4.17 20.78
N PRO A 115 13.33 4.66 21.11
CA PRO A 115 14.30 3.83 21.75
C PRO A 115 14.02 3.65 23.20
N ALA A 116 14.56 2.59 23.75
CA ALA A 116 14.71 2.45 25.17
C ALA A 116 16.17 2.04 25.37
N LEU A 117 16.66 2.27 26.57
CA LEU A 117 18.03 1.91 26.91
C LEU A 117 18.07 0.48 27.40
N GLY A 118 19.09 -0.24 26.96
CA GLY A 118 19.37 -1.55 27.52
C GLY A 118 20.62 -1.48 28.38
N ASN A 119 21.01 -2.62 28.94
CA ASN A 119 22.00 -2.65 29.98
C ASN A 119 23.42 -2.58 29.46
N HIS A 120 23.65 -2.96 28.21
CA HIS A 120 24.95 -2.68 27.63
C HIS A 120 25.03 -1.30 26.98
N ASP A 121 23.98 -0.50 27.02
CA ASP A 121 24.08 0.84 26.45
C ASP A 121 24.63 1.79 27.55
N TYR A 122 25.72 1.35 28.18
CA TYR A 122 26.42 2.09 29.21
C TYR A 122 27.81 1.47 29.38
N TRP A 123 28.72 2.28 29.92
CA TRP A 123 30.03 1.79 30.34
C TRP A 123 30.29 2.27 31.78
N PRO A 124 30.56 1.36 32.72
CA PRO A 124 30.58 -0.10 32.49
C PRO A 124 29.17 -0.70 32.36
N GLN A 125 29.03 -1.80 31.65
CA GLN A 125 27.71 -2.35 31.48
C GLN A 125 26.91 -2.45 32.77
N ASP A 126 25.60 -2.34 32.65
CA ASP A 126 24.62 -2.52 33.74
C ASP A 126 24.54 -1.42 34.81
N GLN A 127 25.45 -0.46 34.76
CA GLN A 127 25.59 0.48 35.84
C GLN A 127 24.88 1.77 35.47
N LEU A 128 23.65 1.63 34.99
CA LEU A 128 22.92 2.79 34.55
C LEU A 128 22.51 3.55 35.82
N PRO A 129 22.82 4.87 35.90
CA PRO A 129 22.58 5.65 37.11
C PRO A 129 21.22 6.36 37.22
N VAL A 130 21.03 6.95 38.39
CA VAL A 130 19.80 7.63 38.85
C VAL A 130 19.73 9.07 38.39
N VAL A 131 20.90 9.66 38.21
CA VAL A 131 21.03 11.06 37.93
C VAL A 131 21.65 11.18 36.57
N THR A 132 21.56 12.36 35.98
CA THR A 132 22.13 12.56 34.65
C THR A 132 23.61 12.07 34.50
N SER A 133 24.07 12.01 33.24
CA SER A 133 25.31 11.33 32.90
C SER A 133 25.66 11.53 31.44
N LYS A 134 26.92 11.28 31.12
CA LYS A 134 27.43 11.49 29.77
C LYS A 134 26.62 10.71 28.73
N VAL A 135 26.26 9.47 29.05
CA VAL A 135 25.52 8.61 28.11
C VAL A 135 24.06 9.06 27.96
N TYR A 136 23.41 9.33 29.09
CA TYR A 136 22.04 9.80 29.06
C TYR A 136 21.95 11.06 28.19
N ASN A 137 22.94 11.92 28.30
CA ASN A 137 22.91 13.19 27.57
C ASN A 137 23.27 13.01 26.13
N ALA A 138 24.11 12.02 25.88
CA ALA A 138 24.55 11.67 24.54
C ALA A 138 23.36 11.19 23.73
N VAL A 139 22.59 10.28 24.31
CA VAL A 139 21.44 9.73 23.61
C VAL A 139 20.37 10.78 23.45
N ALA A 140 20.19 11.64 24.44
CA ALA A 140 19.17 12.69 24.30
C ALA A 140 19.46 13.53 23.03
N ASN A 141 20.73 13.85 22.78
CA ASN A 141 21.06 14.58 21.56
C ASN A 141 20.74 13.75 20.32
N LEU A 142 21.20 12.50 20.30
CA LEU A 142 21.00 11.59 19.18
C LEU A 142 19.54 11.32 18.84
N TRP A 143 18.67 11.38 19.85
CA TRP A 143 17.26 11.00 19.67
C TRP A 143 16.31 12.18 19.69
N LYS A 144 16.83 13.39 19.83
CA LYS A 144 16.06 14.61 19.58
C LYS A 144 15.15 14.47 18.35
N PRO A 145 15.71 14.04 17.21
CA PRO A 145 14.89 14.12 16.01
C PRO A 145 13.63 13.27 16.05
N TRP A 146 13.46 12.48 17.11
CA TRP A 146 12.27 11.64 17.33
C TRP A 146 11.44 12.01 18.56
N LEU A 147 11.87 12.93 19.41
CA LEU A 147 11.16 13.13 20.66
C LEU A 147 10.86 14.61 21.03
N ASP A 148 9.95 14.75 22.00
CA ASP A 148 9.62 16.04 22.64
C ASP A 148 10.79 16.63 23.36
N GLU A 149 10.68 17.91 23.73
CA GLU A 149 11.57 18.49 24.73
C GLU A 149 11.24 17.90 26.11
N GLU A 150 9.97 17.55 26.31
CA GLU A 150 9.47 17.01 27.56
C GLU A 150 10.04 15.62 27.78
N ALA A 151 9.96 14.83 26.70
CA ALA A 151 10.55 13.52 26.64
C ALA A 151 12.02 13.68 26.94
N ILE A 152 12.72 14.30 25.99
CA ILE A 152 14.16 14.51 26.05
C ILE A 152 14.62 14.95 27.43
N SER A 153 13.87 15.87 28.00
CA SER A 153 14.14 16.30 29.35
C SER A 153 14.43 15.11 30.25
N THR A 154 13.45 14.21 30.43
CA THR A 154 13.59 13.08 31.39
C THR A 154 14.60 12.07 30.92
N LEU A 155 14.69 11.93 29.60
CA LEU A 155 15.70 11.05 29.02
C LEU A 155 17.09 11.27 29.63
N ARG A 156 17.57 12.51 29.68
CA ARG A 156 18.86 12.85 30.32
C ARG A 156 18.88 12.73 31.85
N LYS A 157 17.73 12.83 32.48
CA LYS A 157 17.64 12.72 33.94
C LYS A 157 17.91 11.27 34.44
N GLY A 158 17.26 10.28 33.81
CA GLY A 158 17.35 8.86 34.26
C GLY A 158 17.14 7.76 33.23
N GLY A 159 17.32 8.05 31.95
CA GLY A 159 17.19 7.03 30.90
C GLY A 159 15.78 6.70 30.41
N PHE A 160 14.81 7.59 30.64
CA PHE A 160 13.44 7.32 30.24
C PHE A 160 12.63 8.53 29.78
N TYR A 161 11.54 8.26 29.09
CA TYR A 161 10.67 9.31 28.56
C TYR A 161 9.35 8.69 28.18
N SER A 162 8.40 9.52 27.79
CA SER A 162 7.13 9.04 27.25
C SER A 162 6.72 9.98 26.16
N GLN A 163 5.92 9.51 25.23
CA GLN A 163 5.79 10.26 24.00
C GLN A 163 4.57 9.87 23.21
N LYS A 164 3.77 10.86 22.85
CA LYS A 164 2.64 10.64 21.96
C LYS A 164 3.24 10.29 20.64
N VAL A 165 2.57 9.42 19.89
CA VAL A 165 3.07 9.06 18.59
C VAL A 165 2.59 10.10 17.60
N THR A 166 3.53 10.65 16.84
CA THR A 166 3.20 11.62 15.80
C THR A 166 1.95 11.14 15.06
N THR A 167 2.01 10.01 14.39
CA THR A 167 0.92 9.59 13.51
C THR A 167 -0.32 9.03 14.20
N ASN A 168 -0.37 9.05 15.51
CA ASN A 168 -1.49 8.54 16.25
C ASN A 168 -1.21 9.25 17.53
N PRO A 169 -1.77 10.40 17.74
CA PRO A 169 -1.33 11.14 18.93
C PRO A 169 -2.10 10.91 20.23
N ASN A 170 -3.04 9.96 20.26
CA ASN A 170 -3.62 9.50 21.53
C ASN A 170 -3.08 8.13 21.93
N LEU A 171 -2.06 7.70 21.19
CA LEU A 171 -1.21 6.60 21.58
C LEU A 171 0.05 7.18 22.19
N ARG A 172 0.34 6.85 23.43
CA ARG A 172 1.61 7.27 24.05
C ARG A 172 2.55 6.11 24.35
N ILE A 173 3.71 6.14 23.74
CA ILE A 173 4.73 5.18 24.05
C ILE A 173 5.38 5.61 25.33
N ILE A 174 5.43 4.72 26.32
CA ILE A 174 6.23 4.92 27.55
C ILE A 174 7.51 4.06 27.48
N SER A 175 8.66 4.68 27.21
CA SER A 175 9.93 3.97 27.23
C SER A 175 10.56 4.00 28.61
N LEU A 176 10.73 2.81 29.20
CA LEU A 176 11.30 2.66 30.53
C LEU A 176 12.73 2.16 30.52
N ASN A 177 13.44 2.63 31.52
CA ASN A 177 14.75 2.13 31.78
C ASN A 177 14.59 1.17 32.91
N THR A 178 14.42 -0.09 32.54
CA THR A 178 14.27 -1.15 33.48
C THR A 178 15.64 -1.70 33.84
N ASN A 179 16.68 -1.21 33.16
CA ASN A 179 18.02 -1.56 33.56
C ASN A 179 18.31 -1.08 34.97
N LEU A 180 17.54 -0.09 35.40
CA LEU A 180 17.61 0.42 36.78
C LEU A 180 17.28 -0.70 37.77
N TYR A 181 16.51 -1.69 37.31
CA TYR A 181 16.02 -2.76 38.13
C TYR A 181 16.76 -4.04 37.96
N TYR A 182 17.75 -4.04 37.08
CA TYR A 182 18.50 -5.25 36.78
C TYR A 182 19.46 -5.59 37.88
N GLY A 183 19.55 -6.88 38.19
CA GLY A 183 20.39 -7.40 39.29
C GLY A 183 21.77 -6.80 39.37
N PRO A 184 22.64 -7.08 38.38
CA PRO A 184 24.02 -6.57 38.36
C PRO A 184 24.23 -5.05 38.51
N ASN A 185 23.15 -4.27 38.63
CA ASN A 185 23.29 -2.83 38.63
C ASN A 185 23.57 -2.27 40.01
N ILE A 186 24.88 -2.06 40.26
CA ILE A 186 25.37 -1.67 41.57
C ILE A 186 24.88 -0.28 41.99
N MET A 187 24.63 0.59 41.02
CA MET A 187 24.11 1.94 41.31
C MET A 187 22.84 1.93 42.15
N THR A 188 21.95 0.97 41.88
CA THR A 188 20.60 1.01 42.43
C THR A 188 20.35 0.09 43.62
N LEU A 189 21.38 -0.56 44.17
CA LEU A 189 21.15 -1.39 45.36
C LEU A 189 20.45 -0.62 46.46
N ASN A 190 19.56 -1.31 47.17
CA ASN A 190 18.90 -0.76 48.34
C ASN A 190 18.07 0.51 48.11
N LYS A 191 17.77 0.87 46.87
CA LYS A 191 16.94 2.04 46.57
C LYS A 191 15.47 1.70 46.39
N THR A 192 14.67 2.19 47.33
CA THR A 192 13.22 2.20 47.23
C THR A 192 12.66 2.46 45.81
N ASP A 193 13.16 3.50 45.14
CA ASP A 193 12.66 3.89 43.81
C ASP A 193 13.75 4.64 43.06
N PRO A 194 14.53 3.91 42.26
CA PRO A 194 15.59 4.54 41.48
C PRO A 194 15.03 5.52 40.48
N ALA A 195 15.67 6.68 40.42
CA ALA A 195 15.34 7.79 39.54
C ALA A 195 13.87 8.16 39.53
N ASN A 196 13.19 7.84 40.64
CA ASN A 196 11.77 8.09 40.76
C ASN A 196 10.99 7.65 39.52
N GLN A 197 11.26 6.43 39.08
CA GLN A 197 10.67 5.97 37.85
C GLN A 197 9.27 5.46 38.14
N PHE A 198 9.10 4.82 39.30
CA PHE A 198 7.79 4.33 39.70
C PHE A 198 6.87 5.52 39.88
N GLU A 199 7.36 6.56 40.54
CA GLU A 199 6.56 7.73 40.81
C GLU A 199 6.09 8.35 39.49
N TRP A 200 7.05 8.54 38.60
CA TRP A 200 6.78 9.06 37.26
C TRP A 200 5.87 8.15 36.43
N LEU A 201 6.03 6.84 36.56
CA LEU A 201 5.18 5.89 35.86
C LEU A 201 3.75 6.00 36.35
N GLU A 202 3.56 5.74 37.65
CA GLU A 202 2.25 5.93 38.28
C GLU A 202 1.65 7.24 37.86
N SER A 203 2.43 8.29 37.97
CA SER A 203 2.03 9.60 37.47
C SER A 203 1.67 9.59 35.96
N THR A 204 2.61 9.21 35.09
CA THR A 204 2.34 9.24 33.65
C THR A 204 1.13 8.39 33.24
N LEU A 205 0.89 7.29 33.94
CA LEU A 205 -0.24 6.42 33.59
C LEU A 205 -1.54 7.09 33.97
N ASN A 206 -1.67 7.43 35.26
CA ASN A 206 -2.82 8.16 35.79
C ASN A 206 -3.24 9.29 34.87
N ASN A 207 -2.25 10.06 34.44
CA ASN A 207 -2.48 11.10 33.46
C ASN A 207 -3.10 10.57 32.12
N SER A 208 -2.59 9.49 31.55
CA SER A 208 -3.18 8.99 30.30
C SER A 208 -4.59 8.44 30.53
N GLN A 209 -4.79 7.94 31.76
CA GLN A 209 -6.05 7.31 32.16
C GLN A 209 -7.16 8.25 31.87
N GLN A 210 -6.97 9.49 32.31
CA GLN A 210 -8.00 10.50 32.18
C GLN A 210 -8.18 11.06 30.78
N ASN A 211 -7.10 11.17 30.01
CA ASN A 211 -7.19 11.89 28.74
C ASN A 211 -7.55 11.00 27.54
N LYS A 212 -8.31 9.93 27.81
CA LYS A 212 -8.68 8.95 26.79
C LYS A 212 -7.44 8.60 25.98
N GLU A 213 -6.39 8.15 26.68
CA GLU A 213 -5.15 7.81 26.00
C GLU A 213 -4.76 6.35 26.21
N LYS A 214 -4.32 5.69 25.13
CA LYS A 214 -3.75 4.36 25.22
C LYS A 214 -2.21 4.37 25.24
N VAL A 215 -1.68 3.46 26.04
CA VAL A 215 -0.28 3.34 26.30
C VAL A 215 0.24 1.99 25.85
N TYR A 216 1.39 2.03 25.18
CA TYR A 216 2.25 0.89 24.92
C TYR A 216 3.52 0.99 25.76
N ILE A 217 3.79 0.03 26.64
CA ILE A 217 5.06 0.05 27.34
C ILE A 217 6.20 -0.53 26.52
N ILE A 218 7.32 0.19 26.50
CA ILE A 218 8.54 -0.22 25.82
C ILE A 218 9.60 -0.30 26.92
N ALA A 219 10.47 -1.29 26.86
CA ALA A 219 11.56 -1.39 27.83
C ALA A 219 12.47 -2.54 27.44
N HIS A 220 13.62 -2.61 28.08
CA HIS A 220 14.61 -3.62 27.72
C HIS A 220 14.48 -4.88 28.56
N VAL A 221 14.70 -4.75 29.87
CA VAL A 221 14.65 -5.92 30.73
C VAL A 221 13.19 -6.14 30.99
N PRO A 222 12.67 -7.31 30.63
CA PRO A 222 11.29 -7.54 30.94
C PRO A 222 11.01 -7.78 32.44
N VAL A 223 9.74 -7.61 32.78
CA VAL A 223 9.19 -8.08 34.03
C VAL A 223 9.01 -9.59 33.93
N GLY A 224 8.76 -10.18 35.08
CA GLY A 224 8.45 -11.61 35.17
C GLY A 224 9.64 -12.52 35.34
N TYR A 225 9.34 -13.80 35.18
CA TYR A 225 10.32 -14.82 35.38
C TYR A 225 10.99 -15.22 34.08
N LEU A 226 12.29 -15.44 34.13
CA LEU A 226 13.02 -15.95 32.99
C LEU A 226 12.56 -17.36 32.71
N PRO A 227 12.10 -17.62 31.48
CA PRO A 227 11.42 -18.88 31.28
C PRO A 227 12.34 -20.14 31.24
N SER A 228 13.62 -19.98 30.93
N SER A 228 13.63 -19.91 31.01
CA SER A 228 14.50 -21.16 30.86
CA SER A 228 14.62 -20.95 30.84
C SER A 228 15.24 -21.43 32.18
C SER A 228 15.24 -21.43 32.17
N SER A 229 14.68 -20.98 33.30
CA SER A 229 15.23 -21.31 34.61
C SER A 229 14.23 -21.06 35.73
N GLN A 230 14.60 -21.53 36.92
CA GLN A 230 13.69 -21.71 38.04
C GLN A 230 13.70 -20.56 39.06
N ASN A 231 12.52 -20.00 39.30
CA ASN A 231 12.28 -18.98 40.31
C ASN A 231 13.23 -17.76 40.23
N ILE A 232 13.67 -17.40 39.03
CA ILE A 232 14.51 -16.22 38.82
C ILE A 232 13.83 -15.18 37.97
N THR A 233 13.43 -14.09 38.61
CA THR A 233 12.91 -12.93 37.93
C THR A 233 14.05 -12.31 37.18
N ALA A 234 13.77 -11.60 36.10
CA ALA A 234 14.81 -11.03 35.27
C ALA A 234 15.40 -9.77 35.90
N MET A 235 14.49 -8.90 36.32
CA MET A 235 14.77 -7.81 37.25
C MET A 235 14.93 -8.35 38.66
N ARG A 236 15.28 -7.47 39.58
CA ARG A 236 15.21 -7.79 41.01
C ARG A 236 13.76 -7.97 41.46
N GLU A 237 13.52 -9.15 42.02
CA GLU A 237 12.22 -9.54 42.52
C GLU A 237 11.49 -8.33 43.02
N TYR A 238 12.19 -7.59 43.87
CA TYR A 238 11.58 -6.50 44.59
C TYR A 238 10.92 -5.53 43.63
N TYR A 239 11.64 -5.21 42.56
CA TYR A 239 11.11 -4.27 41.60
C TYR A 239 10.06 -4.94 40.76
N ASN A 240 10.27 -6.21 40.44
CA ASN A 240 9.33 -6.90 39.58
C ASN A 240 7.97 -6.86 40.22
N GLU A 241 7.92 -7.16 41.51
CA GLU A 241 6.65 -7.12 42.26
C GLU A 241 6.01 -5.73 42.21
N LYS A 242 6.85 -4.73 42.39
CA LYS A 242 6.42 -3.36 42.40
C LYS A 242 5.83 -2.96 41.04
N LEU A 243 6.52 -3.32 39.97
CA LEU A 243 6.06 -2.98 38.62
C LEU A 243 4.78 -3.68 38.22
N ILE A 244 4.65 -4.94 38.66
CA ILE A 244 3.51 -5.78 38.29
C ILE A 244 2.27 -5.14 38.86
N ASP A 245 2.36 -4.72 40.12
CA ASP A 245 1.26 -4.03 40.78
C ASP A 245 0.85 -2.83 40.00
N ILE A 246 1.83 -2.01 39.64
CA ILE A 246 1.54 -0.84 38.83
C ILE A 246 0.79 -1.25 37.55
N PHE A 247 1.24 -2.30 36.88
CA PHE A 247 0.63 -2.68 35.59
C PHE A 247 -0.74 -3.26 35.83
N GLN A 248 -0.87 -4.01 36.91
CA GLN A 248 -2.17 -4.48 37.35
C GLN A 248 -3.13 -3.30 37.47
N LYS A 249 -2.78 -2.33 38.32
CA LYS A 249 -3.65 -1.18 38.60
C LYS A 249 -4.14 -0.46 37.33
N TYR A 250 -3.24 -0.21 36.38
CA TYR A 250 -3.57 0.56 35.18
C TYR A 250 -3.68 -0.28 33.89
N SER A 251 -4.07 -1.54 34.00
CA SER A 251 -4.06 -2.43 32.82
C SER A 251 -5.08 -2.04 31.76
N ASP A 252 -6.14 -1.40 32.22
CA ASP A 252 -7.15 -0.82 31.33
C ASP A 252 -6.52 0.15 30.34
N VAL A 253 -5.46 0.85 30.73
CA VAL A 253 -4.78 1.83 29.84
C VAL A 253 -3.73 1.24 28.90
N ILE A 254 -3.02 0.23 29.40
CA ILE A 254 -1.91 -0.34 28.68
C ILE A 254 -2.47 -1.31 27.66
N ALA A 255 -2.19 -1.07 26.40
CA ALA A 255 -2.76 -1.84 25.32
C ALA A 255 -1.75 -2.82 24.78
N GLY A 256 -0.58 -2.88 25.42
CA GLY A 256 0.47 -3.82 25.03
C GLY A 256 1.84 -3.47 25.62
N GLN A 257 2.66 -4.49 25.87
CA GLN A 257 3.99 -4.28 26.38
C GLN A 257 4.99 -5.05 25.55
N PHE A 258 6.21 -4.54 25.57
CA PHE A 258 7.24 -4.92 24.61
C PHE A 258 8.62 -4.86 25.25
N TYR A 259 9.36 -5.94 25.15
CA TYR A 259 10.64 -6.01 25.77
C TYR A 259 11.63 -6.77 24.89
N GLY A 260 12.88 -6.78 25.33
CA GLY A 260 13.95 -7.56 24.69
C GLY A 260 14.74 -8.27 25.75
N HIS A 261 16.05 -8.07 25.71
CA HIS A 261 16.98 -8.49 26.75
C HIS A 261 17.22 -9.99 26.73
N THR A 262 16.18 -10.82 26.77
CA THR A 262 16.38 -12.29 26.75
C THR A 262 16.89 -12.88 25.45
N HIS A 263 16.79 -12.12 24.36
CA HIS A 263 17.16 -12.60 23.02
C HIS A 263 16.24 -13.75 22.53
N ARG A 264 15.08 -13.90 23.12
CA ARG A 264 14.24 -15.04 22.80
C ARG A 264 12.83 -14.57 22.53
N ASP A 265 12.11 -15.35 21.75
CA ASP A 265 10.71 -15.05 21.42
C ASP A 265 9.80 -15.58 22.53
N SER A 266 9.21 -14.70 23.32
CA SER A 266 8.39 -15.12 24.44
C SER A 266 7.08 -14.33 24.55
N ILE A 267 6.01 -14.98 25.01
CA ILE A 267 4.85 -14.20 25.45
C ILE A 267 4.66 -14.31 26.94
N MET A 268 3.94 -13.36 27.48
CA MET A 268 3.53 -13.40 28.87
C MET A 268 2.17 -12.76 28.99
N VAL A 269 1.46 -13.13 30.04
CA VAL A 269 0.10 -12.68 30.24
C VAL A 269 -0.02 -12.26 31.67
N LEU A 270 -0.26 -10.98 31.86
CA LEU A 270 -0.42 -10.43 33.18
C LEU A 270 -1.84 -10.75 33.61
N SER A 271 -2.02 -11.23 34.83
CA SER A 271 -3.39 -11.41 35.34
C SER A 271 -3.69 -10.40 36.45
N ASP A 272 -4.96 -10.14 36.71
CA ASP A 272 -5.30 -9.22 37.78
C ASP A 272 -5.12 -9.96 39.11
N LYS A 273 -5.17 -9.23 40.22
CA LYS A 273 -5.02 -9.83 41.53
C LYS A 273 -6.00 -10.97 41.73
N LYS A 274 -7.15 -10.88 41.08
CA LYS A 274 -8.19 -11.91 41.13
C LYS A 274 -7.81 -13.20 40.39
N GLY A 275 -6.91 -13.12 39.41
CA GLY A 275 -6.49 -14.29 38.62
C GLY A 275 -7.02 -14.32 37.19
N SER A 276 -7.46 -13.17 36.68
CA SER A 276 -8.08 -13.06 35.35
C SER A 276 -7.13 -12.32 34.39
N PRO A 277 -6.83 -12.88 33.21
CA PRO A 277 -5.86 -12.24 32.32
C PRO A 277 -6.27 -10.84 31.95
N VAL A 278 -5.32 -9.91 31.94
CA VAL A 278 -5.63 -8.49 31.69
C VAL A 278 -4.60 -7.72 30.90
N ASN A 279 -3.45 -8.27 30.59
CA ASN A 279 -2.50 -7.51 29.76
C ASN A 279 -1.59 -8.50 29.07
N SER A 280 -1.31 -8.25 27.79
CA SER A 280 -0.43 -9.11 27.03
C SER A 280 0.92 -8.44 26.90
N LEU A 281 1.95 -9.26 27.06
CA LEU A 281 3.34 -8.85 27.01
C LEU A 281 4.08 -9.61 25.92
N PHE A 282 5.03 -8.96 25.29
CA PHE A 282 5.71 -9.56 24.14
C PHE A 282 7.19 -9.29 24.18
N VAL A 283 7.95 -10.36 24.33
CA VAL A 283 9.39 -10.27 24.33
C VAL A 283 9.91 -10.73 22.98
N ALA A 284 10.56 -9.83 22.29
CA ALA A 284 11.05 -10.05 20.96
C ALA A 284 12.45 -10.57 20.99
N PRO A 285 12.78 -11.51 20.12
CA PRO A 285 14.14 -12.01 20.15
C PRO A 285 15.10 -11.03 19.46
N ALA A 286 16.38 -11.32 19.56
CA ALA A 286 17.46 -10.41 19.20
C ALA A 286 17.81 -10.50 17.73
N VAL A 287 18.52 -9.46 17.26
CA VAL A 287 19.16 -9.49 15.95
C VAL A 287 20.47 -10.27 16.01
N THR A 288 21.25 -10.03 17.07
CA THR A 288 22.46 -10.80 17.23
C THR A 288 22.12 -12.26 17.48
N PRO A 289 22.87 -13.17 16.90
CA PRO A 289 22.78 -14.57 17.16
C PRO A 289 23.71 -15.10 18.27
N VAL A 290 24.34 -14.19 19.01
CA VAL A 290 25.49 -14.56 19.82
C VAL A 290 25.11 -15.55 20.94
N LYS A 291 26.05 -16.41 21.32
CA LYS A 291 25.88 -17.32 22.45
C LYS A 291 27.19 -17.81 23.02
N SER A 292 27.09 -18.42 24.21
CA SER A 292 28.22 -19.03 24.87
CA SER A 292 28.22 -19.03 24.87
C SER A 292 28.65 -20.28 24.11
N VAL A 293 29.87 -20.71 24.37
CA VAL A 293 30.36 -21.92 23.79
C VAL A 293 29.63 -23.12 24.38
N LEU A 294 29.32 -23.09 25.67
CA LEU A 294 28.71 -24.24 26.32
C LEU A 294 27.22 -24.40 26.00
N GLU A 295 26.61 -23.37 25.42
CA GLU A 295 25.18 -23.39 25.13
C GLU A 295 24.89 -24.14 23.82
N LYS A 296 24.01 -25.12 23.88
CA LYS A 296 23.60 -25.85 22.68
C LYS A 296 22.90 -24.94 21.70
N GLN A 297 22.00 -24.14 22.22
CA GLN A 297 21.06 -23.37 21.47
C GLN A 297 21.42 -21.90 21.42
N THR A 298 20.91 -21.22 20.40
CA THR A 298 20.79 -19.77 20.40
C THR A 298 19.59 -19.37 19.51
N ASN A 299 19.39 -18.06 19.34
CA ASN A 299 18.41 -17.57 18.38
C ASN A 299 19.00 -17.42 16.97
N ASN A 300 18.16 -17.41 15.96
CA ASN A 300 18.53 -16.84 14.67
C ASN A 300 18.16 -15.38 14.82
N PRO A 301 18.76 -14.51 14.01
CA PRO A 301 18.42 -13.10 14.06
C PRO A 301 16.96 -12.94 13.75
N GLY A 302 16.33 -11.93 14.33
CA GLY A 302 14.92 -11.74 14.18
C GLY A 302 14.50 -10.29 14.30
N ILE A 303 13.35 -10.04 13.70
CA ILE A 303 12.81 -8.73 13.39
C ILE A 303 11.34 -9.01 13.39
N ARG A 304 10.54 -8.13 13.96
CA ARG A 304 9.12 -8.38 13.99
C ARG A 304 8.31 -7.13 13.80
N LEU A 305 7.10 -7.36 13.32
CA LEU A 305 6.16 -6.35 12.96
C LEU A 305 4.82 -6.64 13.64
N PHE A 306 4.32 -5.66 14.38
CA PHE A 306 2.99 -5.71 15.00
C PHE A 306 1.89 -5.01 14.20
N GLN A 307 0.65 -5.42 14.47
CA GLN A 307 -0.53 -4.85 13.83
C GLN A 307 -1.51 -4.38 14.88
N TYR A 308 -2.08 -3.19 14.66
CA TYR A 308 -3.06 -2.70 15.60
C TYR A 308 -4.28 -2.09 14.93
N ASP A 309 -5.30 -1.90 15.76
CA ASP A 309 -6.52 -1.24 15.39
C ASP A 309 -6.32 0.20 15.79
N PRO A 310 -6.33 1.12 14.80
CA PRO A 310 -6.08 2.54 15.04
C PRO A 310 -7.06 3.26 15.98
N ARG A 311 -8.18 2.63 16.26
CA ARG A 311 -9.19 3.21 17.11
C ARG A 311 -8.80 3.08 18.58
N ASP A 312 -8.57 1.86 19.06
CA ASP A 312 -8.26 1.59 20.49
C ASP A 312 -6.84 1.07 20.70
N TYR A 313 -6.07 0.99 19.61
CA TYR A 313 -4.68 0.47 19.66
C TYR A 313 -4.62 -0.95 20.22
N LYS A 314 -5.69 -1.68 19.95
CA LYS A 314 -5.83 -3.09 20.29
C LYS A 314 -4.91 -3.84 19.36
N LEU A 315 -4.28 -4.90 19.87
CA LEU A 315 -3.27 -5.63 19.11
C LEU A 315 -3.84 -6.74 18.24
N LEU A 316 -3.71 -6.61 16.94
CA LEU A 316 -4.41 -7.55 16.11
C LEU A 316 -3.59 -8.75 15.83
N ASP A 317 -2.29 -8.56 15.66
CA ASP A 317 -1.41 -9.66 15.29
C ASP A 317 0.08 -9.30 15.33
N MET A 318 0.92 -10.30 15.13
CA MET A 318 2.36 -10.09 15.02
C MET A 318 2.98 -11.04 14.02
N LEU A 319 3.87 -10.50 13.21
CA LEU A 319 4.54 -11.30 12.19
C LEU A 319 5.98 -11.30 12.60
N GLN A 320 6.62 -12.47 12.58
CA GLN A 320 7.96 -12.59 13.07
C GLN A 320 8.77 -12.97 11.91
N TYR A 321 9.74 -12.13 11.59
CA TYR A 321 10.68 -12.37 10.50
C TYR A 321 11.99 -12.81 11.09
N TYR A 322 12.79 -13.49 10.28
CA TYR A 322 14.09 -14.02 10.73
C TYR A 322 15.09 -14.30 9.63
N LEU A 323 16.32 -14.60 10.03
CA LEU A 323 17.40 -14.94 9.09
C LEU A 323 17.90 -16.34 9.40
N ASN A 324 17.90 -17.28 8.45
CA ASN A 324 18.46 -18.60 8.66
C ASN A 324 19.89 -18.32 8.39
N LEU A 325 20.62 -18.04 9.44
CA LEU A 325 22.01 -17.59 9.42
C LEU A 325 22.91 -18.56 8.70
N THR A 326 22.81 -19.82 9.06
CA THR A 326 23.59 -20.79 8.36
C THR A 326 23.39 -20.72 6.89
N GLU A 327 22.14 -20.65 6.45
CA GLU A 327 21.83 -20.61 5.03
C GLU A 327 22.39 -19.33 4.49
N ALA A 328 22.03 -18.24 5.15
CA ALA A 328 22.49 -16.91 4.76
C ALA A 328 23.98 -16.85 4.59
N ASN A 329 24.74 -17.57 5.40
CA ASN A 329 26.17 -17.65 5.17
C ASN A 329 26.53 -18.60 4.02
N LEU A 330 25.92 -19.79 3.92
CA LEU A 330 26.14 -20.67 2.76
C LEU A 330 25.94 -20.00 1.41
N LYS A 331 24.86 -19.26 1.29
CA LYS A 331 24.56 -18.60 0.03
C LYS A 331 25.35 -17.30 -0.04
N GLY A 332 25.66 -16.77 1.12
CA GLY A 332 26.20 -15.44 1.19
C GLY A 332 25.17 -14.52 0.60
N GLU A 333 23.91 -14.63 1.06
CA GLU A 333 22.89 -13.61 0.85
C GLU A 333 21.98 -13.43 2.07
N SER A 334 21.46 -12.21 2.26
CA SER A 334 20.47 -11.90 3.33
C SER A 334 19.05 -12.28 3.01
N ILE A 335 18.74 -13.57 3.05
N ILE A 335 18.77 -13.58 3.09
CA ILE A 335 17.38 -14.01 2.81
CA ILE A 335 17.44 -14.10 2.89
C ILE A 335 16.54 -13.90 4.10
C ILE A 335 16.56 -13.91 4.14
N TRP A 336 16.10 -12.69 4.39
CA TRP A 336 15.22 -12.46 5.53
C TRP A 336 13.84 -13.01 5.19
N LYS A 337 13.49 -14.13 5.80
CA LYS A 337 12.19 -14.76 5.60
C LYS A 337 11.21 -14.37 6.72
N LEU A 338 9.98 -14.83 6.54
CA LEU A 338 8.93 -14.76 7.55
C LEU A 338 8.95 -16.07 8.28
N GLU A 339 8.99 -16.02 9.61
CA GLU A 339 8.95 -17.21 10.41
C GLU A 339 7.53 -17.67 10.62
N TYR A 340 6.68 -16.72 11.02
CA TYR A 340 5.30 -17.04 11.39
C TYR A 340 4.45 -15.80 11.64
N ILE A 341 3.15 -15.99 11.47
CA ILE A 341 2.13 -15.00 11.81
C ILE A 341 1.35 -15.48 13.02
N LEU A 342 1.31 -14.68 14.08
CA LEU A 342 0.98 -15.25 15.37
C LEU A 342 -0.40 -15.89 15.39
N THR A 343 -1.43 -15.17 14.93
CA THR A 343 -2.77 -15.72 15.03
C THR A 343 -2.96 -16.90 14.08
N GLN A 344 -2.21 -16.90 12.98
CA GLN A 344 -2.23 -18.03 12.05
C GLN A 344 -1.69 -19.30 12.62
N THR A 345 -0.49 -19.29 13.19
CA THR A 345 0.13 -20.57 13.57
C THR A 345 -0.49 -21.16 14.78
N TYR A 346 -1.04 -20.31 15.63
CA TYR A 346 -1.66 -20.79 16.84
C TYR A 346 -3.15 -20.88 16.75
N ASP A 347 -3.68 -20.37 15.65
CA ASP A 347 -5.08 -20.42 15.40
C ASP A 347 -5.83 -19.82 16.56
N ILE A 348 -5.58 -18.53 16.79
CA ILE A 348 -6.29 -17.76 17.78
C ILE A 348 -6.76 -16.46 17.13
N GLU A 349 -7.69 -15.78 17.78
CA GLU A 349 -8.37 -14.63 17.22
C GLU A 349 -7.50 -13.40 17.02
N ASP A 350 -6.79 -13.00 18.08
CA ASP A 350 -6.08 -11.73 18.13
C ASP A 350 -4.98 -11.79 19.21
N LEU A 351 -4.53 -10.66 19.73
CA LEU A 351 -3.46 -10.68 20.71
C LEU A 351 -3.96 -10.14 22.02
N GLN A 352 -5.27 -10.27 22.23
CA GLN A 352 -5.89 -9.84 23.47
C GLN A 352 -5.39 -10.72 24.58
N PRO A 353 -5.52 -10.29 25.83
CA PRO A 353 -5.00 -11.13 26.91
C PRO A 353 -5.70 -12.47 27.08
N GLU A 354 -7.02 -12.49 26.88
CA GLU A 354 -7.81 -13.69 27.00
C GLU A 354 -7.35 -14.64 25.87
N SER A 355 -7.22 -14.10 24.65
CA SER A 355 -6.71 -14.90 23.51
C SER A 355 -5.42 -15.67 23.82
N LEU A 356 -4.47 -14.99 24.44
CA LEU A 356 -3.17 -15.57 24.70
C LEU A 356 -3.17 -16.47 25.93
N TYR A 357 -3.93 -16.09 26.94
CA TYR A 357 -4.10 -16.94 28.10
C TYR A 357 -4.64 -18.29 27.66
N GLY A 358 -5.58 -18.25 26.72
CA GLY A 358 -6.12 -19.48 26.17
C GLY A 358 -5.12 -20.35 25.46
N LEU A 359 -4.20 -19.72 24.73
CA LEU A 359 -3.14 -20.44 24.05
C LEU A 359 -2.24 -21.06 25.11
N ALA A 360 -1.99 -20.32 26.17
CA ALA A 360 -1.12 -20.81 27.23
C ALA A 360 -1.68 -22.11 27.80
N LYS A 361 -2.98 -22.15 28.01
CA LYS A 361 -3.62 -23.33 28.57
C LYS A 361 -3.44 -24.48 27.62
N GLN A 362 -3.62 -24.23 26.33
CA GLN A 362 -3.43 -25.27 25.33
C GLN A 362 -2.02 -25.86 25.41
N PHE A 363 -1.04 -25.05 25.75
CA PHE A 363 0.32 -25.52 25.91
C PHE A 363 0.45 -26.58 26.97
N THR A 364 -0.37 -26.48 28.03
CA THR A 364 -0.29 -27.38 29.20
C THR A 364 -0.72 -28.84 28.90
N ILE A 365 -1.59 -29.03 27.92
CA ILE A 365 -1.90 -30.36 27.41
C ILE A 365 -0.65 -31.23 27.29
N LEU A 366 -0.71 -32.47 27.78
CA LEU A 366 0.37 -33.44 27.55
C LEU A 366 0.78 -33.43 26.09
N ASP A 367 2.07 -33.28 25.84
CA ASP A 367 2.60 -33.33 24.46
C ASP A 367 1.96 -32.34 23.51
N SER A 368 1.57 -31.18 24.03
CA SER A 368 0.96 -30.13 23.21
C SER A 368 1.79 -29.86 21.96
N LYS A 369 1.22 -30.15 20.80
CA LYS A 369 1.81 -29.73 19.52
C LYS A 369 1.97 -28.21 19.51
N GLN A 370 1.14 -27.48 20.25
CA GLN A 370 1.18 -26.01 20.27
C GLN A 370 2.41 -25.51 20.96
N PHE A 371 2.61 -25.96 22.19
CA PHE A 371 3.86 -25.68 22.87
C PHE A 371 5.08 -26.08 22.05
N ILE A 372 5.05 -27.23 21.37
CA ILE A 372 6.24 -27.60 20.60
C ILE A 372 6.58 -26.47 19.67
N LYS A 373 5.60 -25.98 18.92
CA LYS A 373 5.84 -24.84 18.03
C LYS A 373 6.51 -23.72 18.81
N TYR A 374 5.87 -23.32 19.89
CA TYR A 374 6.30 -22.20 20.65
C TYR A 374 7.74 -22.33 21.06
N TYR A 375 8.20 -23.55 21.28
CA TYR A 375 9.60 -23.75 21.65
C TYR A 375 10.58 -23.71 20.45
N ASN A 376 10.17 -24.13 19.25
CA ASN A 376 10.95 -23.83 18.05
C ASN A 376 11.04 -22.35 17.89
N TYR A 377 9.92 -21.66 18.03
CA TYR A 377 9.90 -20.24 17.78
C TYR A 377 10.63 -19.50 18.88
N PHE A 378 10.70 -20.08 20.06
CA PHE A 378 11.42 -19.50 21.19
C PHE A 378 12.90 -19.20 20.90
N PHE A 379 13.58 -20.10 20.19
CA PHE A 379 14.95 -19.86 19.71
C PHE A 379 14.96 -19.44 18.26
N VAL A 380 13.89 -18.79 17.82
CA VAL A 380 13.74 -18.30 16.45
C VAL A 380 14.14 -19.32 15.36
N SER A 381 13.55 -20.50 15.49
CA SER A 381 13.65 -21.59 14.53
C SER A 381 15.11 -22.09 14.36
N TYR A 382 15.93 -21.88 15.38
CA TYR A 382 17.37 -22.08 15.25
C TYR A 382 17.82 -23.54 15.01
N ASP A 383 17.44 -24.45 15.89
CA ASP A 383 17.47 -25.85 15.55
C ASP A 383 16.01 -26.16 15.62
N SER A 384 15.56 -27.02 14.70
CA SER A 384 14.16 -27.37 14.68
C SER A 384 13.95 -28.85 14.91
N SER A 385 15.05 -29.56 15.09
CA SER A 385 15.01 -30.88 15.73
C SER A 385 15.29 -30.73 17.24
N VAL A 386 14.86 -29.61 17.81
CA VAL A 386 15.15 -29.33 19.21
C VAL A 386 13.97 -29.81 20.02
N THR A 387 14.18 -30.14 21.28
CA THR A 387 13.15 -30.74 22.09
C THR A 387 13.23 -30.16 23.47
N CYS A 388 12.48 -30.72 24.41
CA CYS A 388 12.27 -30.06 25.69
C CYS A 388 11.65 -31.02 26.69
N ASP A 389 12.24 -31.19 27.86
CA ASP A 389 11.72 -32.17 28.81
C ASP A 389 10.62 -31.54 29.70
N LYS A 390 10.00 -32.34 30.58
CA LYS A 390 8.85 -31.90 31.37
C LYS A 390 9.18 -30.67 32.20
N THR A 391 10.40 -30.62 32.70
CA THR A 391 10.78 -29.59 33.63
C THR A 391 11.00 -28.24 32.93
N CYS A 392 11.80 -28.27 31.86
CA CYS A 392 11.96 -27.08 31.05
C CYS A 392 10.62 -26.53 30.64
N LYS A 393 9.75 -27.39 30.15
CA LYS A 393 8.41 -27.00 29.78
C LYS A 393 7.64 -26.42 30.93
N ALA A 394 7.81 -26.96 32.12
CA ALA A 394 7.12 -26.41 33.25
C ALA A 394 7.60 -25.01 33.51
N PHE A 395 8.90 -24.84 33.40
CA PHE A 395 9.49 -23.55 33.69
C PHE A 395 9.05 -22.51 32.69
N GLN A 396 8.73 -22.94 31.49
CA GLN A 396 8.24 -22.05 30.46
C GLN A 396 6.80 -21.68 30.78
N ILE A 397 5.98 -22.69 30.98
CA ILE A 397 4.55 -22.49 31.19
C ILE A 397 4.34 -21.53 32.35
N CYS A 398 4.86 -21.86 33.51
CA CYS A 398 4.68 -21.00 34.64
C CYS A 398 5.11 -19.57 34.36
N ALA A 399 6.17 -19.39 33.58
CA ALA A 399 6.69 -18.07 33.30
C ALA A 399 5.69 -17.31 32.47
N ILE A 400 5.15 -17.97 31.47
CA ILE A 400 4.16 -17.34 30.59
C ILE A 400 2.89 -16.89 31.30
N MET A 401 2.48 -17.62 32.33
CA MET A 401 1.19 -17.40 32.99
C MET A 401 1.30 -16.76 34.33
N ASN A 402 2.48 -16.70 34.91
CA ASN A 402 2.64 -16.10 36.22
C ASN A 402 3.83 -15.13 36.29
N LEU A 403 3.49 -13.91 36.67
CA LEU A 403 4.41 -12.80 36.59
C LEU A 403 4.91 -12.39 37.93
N ASP A 404 4.10 -12.54 38.98
CA ASP A 404 4.47 -12.17 40.36
C ASP A 404 4.72 -13.46 41.07
N ASN A 405 5.32 -13.42 42.25
CA ASN A 405 5.93 -14.64 42.79
C ASN A 405 4.97 -15.55 43.50
N ILE A 406 3.88 -15.00 44.00
CA ILE A 406 2.87 -15.84 44.64
C ILE A 406 2.46 -16.86 43.58
N SER A 407 1.83 -16.33 42.54
CA SER A 407 1.27 -17.16 41.50
C SER A 407 2.32 -18.01 40.75
N TYR A 408 3.57 -17.56 40.69
CA TYR A 408 4.64 -18.35 40.07
C TYR A 408 5.02 -19.54 40.88
N ALA A 409 4.97 -19.42 42.19
CA ALA A 409 5.26 -20.57 43.05
C ALA A 409 4.08 -21.55 43.11
N ASP A 410 2.86 -21.03 43.23
CA ASP A 410 1.67 -21.88 43.17
C ASP A 410 1.81 -22.79 41.93
N CYS A 411 2.26 -22.20 40.83
CA CYS A 411 2.30 -22.90 39.55
C CYS A 411 3.40 -23.94 39.51
N LEU A 412 4.46 -23.63 40.22
CA LEU A 412 5.59 -24.51 40.35
C LEU A 412 5.29 -25.66 41.31
N LYS A 413 4.77 -25.34 42.46
CA LYS A 413 4.53 -26.37 43.44
C LYS A 413 3.44 -27.23 42.93
N GLN A 414 2.45 -26.59 42.40
CA GLN A 414 1.37 -27.31 41.87
C GLN A 414 1.94 -28.49 41.15
N LEU A 415 3.12 -28.39 40.52
CA LEU A 415 3.70 -29.53 39.77
C LEU A 415 5.21 -29.55 39.36
N TYR A 416 6.22 -29.86 40.17
CA TYR A 416 6.28 -30.18 41.56
C TYR A 416 7.66 -29.57 41.91
N ILE A 417 8.04 -29.46 43.18
CA ILE A 417 9.34 -28.76 43.57
C ILE A 417 10.15 -29.30 44.78
N LYS A 418 11.48 -29.18 44.68
CA LYS A 418 12.41 -29.56 45.77
C LYS A 418 11.82 -29.27 47.16
N PRO B 1 -19.80 -10.95 -6.10
CA PRO B 1 -19.09 -10.33 -4.97
C PRO B 1 -18.07 -9.30 -5.47
N PRO B 2 -17.67 -8.36 -4.61
CA PRO B 2 -16.69 -7.33 -5.00
C PRO B 2 -15.33 -7.92 -5.27
N PRO B 3 -14.57 -7.35 -6.20
CA PRO B 3 -13.24 -7.90 -6.50
C PRO B 3 -12.06 -7.01 -6.13
N ALA B 4 -12.32 -5.73 -6.10
CA ALA B 4 -11.30 -4.75 -5.77
C ALA B 4 -12.09 -3.63 -5.18
N ILE B 5 -11.57 -2.99 -4.15
CA ILE B 5 -12.35 -1.89 -3.53
C ILE B 5 -11.80 -0.52 -3.99
N GLY B 6 -12.64 0.25 -4.68
CA GLY B 6 -12.28 1.63 -5.03
C GLY B 6 -12.57 2.56 -3.86
N GLN B 7 -11.84 3.67 -3.75
CA GLN B 7 -11.97 4.55 -2.59
C GLN B 7 -11.81 6.02 -2.94
N PHE B 8 -12.60 6.90 -2.34
CA PHE B 8 -12.30 8.33 -2.50
C PHE B 8 -12.75 9.14 -1.32
N TRP B 9 -12.12 10.30 -1.17
CA TRP B 9 -12.37 11.17 -0.05
C TRP B 9 -13.31 12.23 -0.49
N HIS B 10 -14.10 12.72 0.46
CA HIS B 10 -14.89 13.92 0.27
C HIS B 10 -14.44 14.84 1.37
N VAL B 11 -14.04 16.04 0.98
CA VAL B 11 -13.76 17.14 1.93
C VAL B 11 -14.63 18.27 1.48
N THR B 12 -15.33 18.92 2.41
CA THR B 12 -16.04 20.10 1.99
C THR B 12 -15.98 21.22 3.00
N ASP B 13 -16.23 22.44 2.50
CA ASP B 13 -16.45 23.59 3.35
C ASP B 13 -15.31 23.67 4.31
N LEU B 14 -14.17 24.09 3.82
CA LEU B 14 -13.01 24.20 4.66
C LEU B 14 -13.06 25.49 5.40
N HIS B 15 -13.62 26.52 4.77
CA HIS B 15 -13.91 27.81 5.39
C HIS B 15 -12.75 28.24 6.29
N LEU B 16 -11.62 28.57 5.64
CA LEU B 16 -10.42 29.04 6.33
C LEU B 16 -10.56 30.48 6.82
N ASP B 17 -10.16 30.68 8.07
CA ASP B 17 -10.08 32.00 8.67
C ASP B 17 -8.60 32.28 8.90
N PRO B 18 -7.95 33.07 7.97
CA PRO B 18 -6.58 33.56 8.09
C PRO B 18 -6.33 34.33 9.39
N THR B 19 -7.36 34.97 9.92
CA THR B 19 -7.26 35.67 11.17
C THR B 19 -7.00 34.89 12.42
N TYR B 20 -7.50 33.66 12.48
CA TYR B 20 -7.59 32.94 13.77
C TYR B 20 -6.28 32.98 14.49
N HIS B 21 -6.31 33.25 15.78
CA HIS B 21 -5.18 32.95 16.65
C HIS B 21 -5.58 33.17 18.09
N ILE B 22 -5.00 32.37 18.97
CA ILE B 22 -5.27 32.53 20.40
C ILE B 22 -4.69 33.85 20.87
N THR B 23 -5.53 34.55 21.61
CA THR B 23 -5.13 35.71 22.35
C THR B 23 -6.15 35.81 23.51
N ASP B 24 -5.78 36.63 24.50
CA ASP B 24 -6.55 36.75 25.74
C ASP B 24 -7.87 37.51 25.56
N ASP B 25 -7.92 38.38 24.56
CA ASP B 25 -9.16 39.04 24.13
C ASP B 25 -9.89 38.09 23.15
N HIS B 26 -10.99 37.53 23.64
CA HIS B 26 -11.75 36.52 22.91
C HIS B 26 -12.62 37.12 21.81
N THR B 27 -12.81 38.45 21.85
CA THR B 27 -13.43 39.16 20.73
C THR B 27 -12.44 39.24 19.56
N LYS B 28 -11.16 38.97 19.82
CA LYS B 28 -10.10 39.23 18.87
C LYS B 28 -9.44 37.97 18.29
N VAL B 29 -9.83 36.82 18.80
CA VAL B 29 -9.30 35.52 18.34
C VAL B 29 -9.48 35.19 16.82
N CYS B 30 -10.54 35.66 16.21
CA CYS B 30 -10.78 35.29 14.83
C CYS B 30 -11.89 36.18 14.36
N ALA B 31 -11.79 36.66 13.13
CA ALA B 31 -12.77 37.59 12.62
C ALA B 31 -14.15 36.95 12.35
N SER B 32 -14.21 35.63 12.13
CA SER B 32 -15.46 34.99 11.70
C SER B 32 -16.56 35.18 12.71
N SER B 33 -16.17 35.24 13.98
CA SER B 33 -17.13 35.40 15.10
C SER B 33 -17.79 36.75 15.10
N LYS B 34 -17.28 37.62 14.22
CA LYS B 34 -17.81 38.96 14.01
C LYS B 34 -17.90 39.77 15.34
N GLY B 35 -16.90 39.65 16.17
CA GLY B 35 -16.90 40.45 17.35
C GLY B 35 -17.40 39.70 18.54
N ALA B 36 -17.96 38.52 18.34
CA ALA B 36 -18.40 37.72 19.48
C ALA B 36 -17.21 37.14 20.30
N ASN B 37 -17.32 37.08 21.64
CA ASN B 37 -16.34 36.35 22.47
C ASN B 37 -16.37 34.90 21.98
N ALA B 38 -15.22 34.42 21.50
CA ALA B 38 -15.08 33.04 21.05
C ALA B 38 -15.30 32.13 22.25
N SER B 39 -16.05 31.05 22.06
CA SER B 39 -16.62 30.30 23.21
C SER B 39 -15.57 29.75 24.18
N ASN B 40 -14.64 28.98 23.64
CA ASN B 40 -13.61 28.35 24.42
C ASN B 40 -12.51 27.90 23.46
N PRO B 41 -11.73 28.88 22.95
CA PRO B 41 -10.91 28.63 21.78
C PRO B 41 -9.62 27.85 22.10
N GLY B 42 -9.18 27.01 21.16
CA GLY B 42 -7.93 26.27 21.24
C GLY B 42 -7.17 26.27 19.92
N PRO B 43 -6.10 25.47 19.85
CA PRO B 43 -5.31 25.45 18.60
C PRO B 43 -6.09 25.01 17.34
N PHE B 44 -7.16 24.23 17.52
CA PHE B 44 -7.92 23.66 16.40
C PHE B 44 -9.28 24.29 16.15
N GLY B 45 -9.56 25.39 16.79
CA GLY B 45 -10.78 26.05 16.43
C GLY B 45 -11.72 26.40 17.52
N ASP B 46 -12.92 26.71 17.09
CA ASP B 46 -13.93 27.06 18.00
C ASP B 46 -15.20 27.11 17.25
N VAL B 47 -16.24 26.61 17.86
CA VAL B 47 -17.61 26.82 17.34
C VAL B 47 -17.62 28.35 17.30
N LEU B 48 -18.55 29.02 16.63
CA LEU B 48 -18.45 30.53 16.58
C LEU B 48 -17.22 31.16 15.84
N CYS B 49 -16.27 30.33 15.41
CA CYS B 49 -15.10 30.75 14.66
C CYS B 49 -14.91 29.71 13.55
N ASP B 50 -14.72 30.20 12.33
CA ASP B 50 -14.34 29.35 11.23
C ASP B 50 -12.99 28.64 11.42
N SER B 51 -12.61 27.83 10.45
CA SER B 51 -11.39 27.05 10.54
C SER B 51 -10.06 27.82 10.68
N PRO B 52 -9.30 27.51 11.74
CA PRO B 52 -7.90 27.95 11.76
C PRO B 52 -7.14 27.10 10.79
N TYR B 53 -6.00 27.60 10.31
CA TYR B 53 -5.20 26.82 9.39
C TYR B 53 -4.82 25.41 9.92
N GLN B 54 -4.63 25.25 11.24
CA GLN B 54 -4.16 23.96 11.79
C GLN B 54 -5.26 22.91 12.02
N LEU B 55 -6.50 23.38 12.01
CA LEU B 55 -7.68 22.52 11.92
C LEU B 55 -7.68 21.87 10.54
N ILE B 56 -7.84 22.70 9.51
CA ILE B 56 -7.81 22.22 8.14
C ILE B 56 -6.53 21.44 7.83
N LEU B 57 -5.40 21.84 8.42
CA LEU B 57 -4.11 21.18 8.17
C LEU B 57 -4.16 19.80 8.75
N SER B 58 -4.68 19.66 9.96
CA SER B 58 -4.78 18.35 10.61
C SER B 58 -5.72 17.36 9.92
N ALA B 59 -6.72 17.88 9.21
CA ALA B 59 -7.66 17.05 8.48
C ALA B 59 -6.97 16.35 7.35
N PHE B 60 -6.16 17.09 6.61
CA PHE B 60 -5.41 16.52 5.47
C PHE B 60 -4.24 15.59 5.89
N ASP B 61 -3.33 16.07 6.76
CA ASP B 61 -2.31 15.24 7.40
C ASP B 61 -2.91 13.94 7.92
N PHE B 62 -4.15 13.97 8.43
CA PHE B 62 -4.81 12.74 8.83
C PHE B 62 -5.06 11.93 7.56
N ILE B 63 -5.56 12.55 6.50
CA ILE B 63 -5.83 11.79 5.31
C ILE B 63 -4.55 11.11 4.82
N LYS B 64 -3.44 11.84 4.85
CA LYS B 64 -2.13 11.34 4.35
C LYS B 64 -1.69 10.16 5.21
N ASN B 65 -1.65 10.35 6.52
CA ASN B 65 -1.22 9.32 7.47
C ASN B 65 -2.34 8.34 7.83
N SER B 66 -3.40 8.28 7.03
CA SER B 66 -4.58 7.48 7.38
C SER B 66 -4.37 5.99 7.25
N GLY B 67 -3.49 5.58 6.33
CA GLY B 67 -3.38 4.17 5.97
C GLY B 67 -4.53 3.73 5.07
N GLN B 68 -5.15 4.70 4.39
CA GLN B 68 -6.16 4.47 3.34
C GLN B 68 -5.54 4.95 2.05
N GLU B 69 -5.75 4.20 0.97
CA GLU B 69 -5.39 4.68 -0.37
C GLU B 69 -6.65 5.28 -1.02
N ALA B 70 -6.49 5.95 -2.16
CA ALA B 70 -7.64 6.41 -2.92
C ALA B 70 -7.28 6.72 -4.40
N SER B 71 -8.24 6.52 -5.29
CA SER B 71 -8.11 6.93 -6.67
C SER B 71 -8.26 8.41 -6.78
N PHE B 72 -9.16 8.96 -5.98
CA PHE B 72 -9.35 10.42 -5.97
C PHE B 72 -9.79 11.05 -4.62
N MET B 73 -10.12 12.35 -4.68
CA MET B 73 -10.68 13.14 -3.59
C MET B 73 -11.59 14.14 -4.28
N ILE B 74 -12.75 14.39 -3.67
CA ILE B 74 -13.76 15.32 -4.16
CA ILE B 74 -13.69 15.37 -4.22
C ILE B 74 -13.73 16.52 -3.24
N TRP B 75 -13.80 17.73 -3.76
CA TRP B 75 -13.74 18.93 -2.93
C TRP B 75 -14.93 19.85 -3.26
N THR B 76 -15.92 19.96 -2.37
CA THR B 76 -17.14 20.73 -2.74
C THR B 76 -17.22 22.20 -2.18
N GLY B 77 -16.20 23.03 -2.51
CA GLY B 77 -16.28 24.48 -2.38
C GLY B 77 -16.17 25.11 -1.00
N ASP B 78 -16.60 26.39 -0.94
CA ASP B 78 -16.62 27.26 0.29
C ASP B 78 -15.31 27.33 1.05
N SER B 79 -14.36 28.11 0.52
CA SER B 79 -13.05 28.27 1.16
C SER B 79 -12.85 29.58 1.98
N PRO B 80 -13.29 30.74 1.46
N PRO B 80 -13.25 30.76 1.46
CA PRO B 80 -13.33 31.95 2.29
CA PRO B 80 -13.14 31.89 2.36
C PRO B 80 -14.21 31.78 3.52
C PRO B 80 -14.17 31.81 3.49
N PRO B 81 -13.91 32.53 4.58
CA PRO B 81 -14.71 32.44 5.82
C PRO B 81 -16.05 33.20 5.80
N HIS B 82 -16.73 33.22 6.95
CA HIS B 82 -17.97 33.95 7.12
C HIS B 82 -17.65 35.24 7.82
N VAL B 83 -17.32 36.23 7.02
CA VAL B 83 -17.22 37.59 7.49
C VAL B 83 -17.97 38.50 6.50
N PRO B 84 -18.37 39.70 6.96
CA PRO B 84 -19.18 40.58 6.10
C PRO B 84 -18.43 41.02 4.84
N VAL B 85 -19.16 41.19 3.73
CA VAL B 85 -18.58 41.45 2.40
C VAL B 85 -17.57 42.60 2.34
N PRO B 86 -17.87 43.77 2.95
CA PRO B 86 -16.89 44.86 3.05
C PRO B 86 -15.57 44.54 3.79
N GLU B 87 -15.54 43.44 4.55
CA GLU B 87 -14.31 43.01 5.21
C GLU B 87 -13.45 42.14 4.31
N LEU B 88 -14.02 41.70 3.17
CA LEU B 88 -13.33 40.82 2.19
C LEU B 88 -13.21 41.40 0.78
N SER B 89 -12.51 40.69 -0.08
CA SER B 89 -12.47 41.00 -1.50
C SER B 89 -12.20 39.74 -2.39
N THR B 90 -12.36 39.93 -3.71
CA THR B 90 -11.92 38.99 -4.75
C THR B 90 -10.48 38.52 -4.55
N ASP B 91 -9.62 39.47 -4.26
CA ASP B 91 -8.23 39.16 -3.98
C ASP B 91 -8.11 38.28 -2.73
N THR B 92 -8.80 38.59 -1.65
CA THR B 92 -8.68 37.74 -0.46
C THR B 92 -9.28 36.38 -0.80
N VAL B 93 -10.48 36.38 -1.42
CA VAL B 93 -11.16 35.14 -1.85
C VAL B 93 -10.19 34.15 -2.57
N ILE B 94 -9.48 34.67 -3.57
CA ILE B 94 -8.57 33.87 -4.38
C ILE B 94 -7.28 33.56 -3.62
N ASN B 95 -6.82 34.51 -2.80
CA ASN B 95 -5.74 34.20 -1.91
C ASN B 95 -6.11 32.94 -1.22
N VAL B 96 -7.30 32.94 -0.60
CA VAL B 96 -7.79 31.79 0.16
C VAL B 96 -7.98 30.48 -0.64
N ILE B 97 -8.60 30.53 -1.84
CA ILE B 97 -8.72 29.31 -2.68
C ILE B 97 -7.34 28.75 -3.15
N THR B 98 -6.42 29.66 -3.45
CA THR B 98 -5.07 29.29 -3.86
C THR B 98 -4.40 28.54 -2.73
N ASN B 99 -4.53 29.06 -1.50
CA ASN B 99 -3.88 28.46 -0.32
C ASN B 99 -4.37 27.04 -0.12
N MET B 100 -5.70 26.87 -0.10
CA MET B 100 -6.35 25.52 -0.09
C MET B 100 -5.90 24.63 -1.25
N THR B 101 -5.81 25.21 -2.45
CA THR B 101 -5.41 24.44 -3.63
C THR B 101 -3.91 23.98 -3.59
N THR B 102 -3.00 24.89 -3.23
CA THR B 102 -1.59 24.52 -3.03
C THR B 102 -1.44 23.44 -1.94
N THR B 103 -1.87 23.74 -0.71
CA THR B 103 -1.85 22.74 0.38
C THR B 103 -2.34 21.32 -0.02
N ILE B 104 -3.47 21.26 -0.75
CA ILE B 104 -3.97 19.95 -1.25
C ILE B 104 -2.94 19.42 -2.24
N GLN B 105 -2.46 20.28 -3.15
CA GLN B 105 -1.50 19.85 -4.19
C GLN B 105 -0.06 19.48 -3.71
N SER B 106 0.44 20.09 -2.61
CA SER B 106 1.77 19.76 -2.03
C SER B 106 1.75 18.56 -1.12
N LEU B 107 0.74 18.48 -0.23
CA LEU B 107 0.54 17.29 0.60
C LEU B 107 0.14 16.07 -0.23
N PHE B 108 -0.60 16.29 -1.32
CA PHE B 108 -1.18 15.22 -2.16
C PHE B 108 -0.78 15.29 -3.63
N PRO B 109 0.54 15.14 -3.91
CA PRO B 109 1.13 15.40 -5.25
C PRO B 109 0.51 14.58 -6.39
N ASN B 110 0.32 13.28 -6.13
CA ASN B 110 -0.13 12.35 -7.15
C ASN B 110 -1.64 12.37 -7.32
N LEU B 111 -2.34 12.65 -6.22
CA LEU B 111 -3.77 12.44 -6.14
C LEU B 111 -4.62 13.51 -6.82
N GLN B 112 -5.49 13.03 -7.72
CA GLN B 112 -6.41 13.89 -8.47
C GLN B 112 -7.55 14.29 -7.55
N VAL B 113 -8.07 15.48 -7.76
CA VAL B 113 -9.02 16.09 -6.88
C VAL B 113 -10.02 16.77 -7.81
N PHE B 114 -11.28 16.77 -7.41
CA PHE B 114 -12.35 17.39 -8.21
C PHE B 114 -13.12 18.44 -7.41
N PRO B 115 -12.68 19.71 -7.52
CA PRO B 115 -13.36 20.84 -6.90
C PRO B 115 -14.71 21.18 -7.50
N ALA B 116 -15.62 21.57 -6.64
CA ALA B 116 -16.74 22.33 -7.09
C ALA B 116 -16.58 23.66 -6.39
N LEU B 117 -17.23 24.64 -6.97
CA LEU B 117 -17.30 25.94 -6.39
C LEU B 117 -18.54 25.97 -5.54
N GLY B 118 -18.41 26.74 -4.46
CA GLY B 118 -19.49 27.04 -3.56
C GLY B 118 -19.64 28.52 -3.65
N ASN B 119 -20.42 29.05 -2.72
CA ASN B 119 -20.86 30.44 -2.78
C ASN B 119 -20.08 31.45 -1.95
N HIS B 120 -19.10 31.03 -1.19
CA HIS B 120 -18.29 32.01 -0.53
C HIS B 120 -16.99 32.19 -1.33
N ASP B 121 -16.73 31.24 -2.22
CA ASP B 121 -15.61 31.31 -3.16
C ASP B 121 -15.89 32.34 -4.24
N TYR B 122 -16.07 33.59 -3.79
CA TYR B 122 -16.42 34.72 -4.65
C TYR B 122 -16.59 35.97 -3.75
N TRP B 123 -16.37 37.12 -4.37
CA TRP B 123 -16.63 38.43 -3.77
C TRP B 123 -17.47 39.39 -4.67
N PRO B 124 -18.64 39.85 -4.21
CA PRO B 124 -19.29 39.43 -2.95
C PRO B 124 -19.78 37.95 -2.92
N GLN B 125 -19.84 37.37 -1.74
CA GLN B 125 -20.38 36.04 -1.64
C GLN B 125 -21.65 35.91 -2.44
N ASP B 126 -21.92 34.69 -2.88
CA ASP B 126 -23.17 34.29 -3.57
C ASP B 126 -23.36 34.76 -5.02
N GLN B 127 -22.57 35.73 -5.48
CA GLN B 127 -22.92 36.40 -6.70
C GLN B 127 -22.33 35.75 -7.94
N LEU B 128 -22.14 34.43 -7.90
CA LEU B 128 -21.43 33.77 -8.99
C LEU B 128 -22.22 34.08 -10.24
N PRO B 129 -21.53 34.47 -11.33
CA PRO B 129 -22.14 34.87 -12.60
C PRO B 129 -22.30 33.80 -13.73
N VAL B 130 -22.92 34.30 -14.81
CA VAL B 130 -23.30 33.58 -16.03
C VAL B 130 -22.17 33.52 -17.04
N VAL B 131 -21.43 34.62 -17.16
CA VAL B 131 -20.36 34.76 -18.14
C VAL B 131 -19.04 34.80 -17.37
N THR B 132 -17.92 34.78 -18.10
CA THR B 132 -16.60 34.64 -17.47
C THR B 132 -16.28 35.77 -16.45
N SER B 133 -15.26 35.54 -15.61
CA SER B 133 -14.96 36.42 -14.49
C SER B 133 -13.54 36.18 -14.02
N LYS B 134 -13.05 37.11 -13.21
CA LYS B 134 -11.74 36.98 -12.58
C LYS B 134 -11.57 35.68 -11.75
N VAL B 135 -12.46 35.43 -10.79
CA VAL B 135 -12.33 34.24 -9.91
C VAL B 135 -12.49 32.92 -10.69
N TYR B 136 -13.40 32.90 -11.66
CA TYR B 136 -13.53 31.70 -12.50
C TYR B 136 -12.21 31.37 -13.24
N ASN B 137 -11.65 32.37 -13.94
CA ASN B 137 -10.36 32.22 -14.64
C ASN B 137 -9.19 31.98 -13.68
N ALA B 138 -9.32 32.48 -12.45
CA ALA B 138 -8.33 32.32 -11.36
C ALA B 138 -8.17 30.87 -10.91
N VAL B 139 -9.32 30.22 -10.67
CA VAL B 139 -9.38 28.83 -10.21
C VAL B 139 -9.08 27.80 -11.31
N ALA B 140 -9.50 28.07 -12.56
CA ALA B 140 -9.12 27.24 -13.71
C ALA B 140 -7.61 27.05 -13.81
N ASN B 141 -6.87 28.16 -13.66
CA ASN B 141 -5.39 28.14 -13.54
C ASN B 141 -4.94 27.26 -12.38
N LEU B 142 -5.59 27.41 -11.22
CA LEU B 142 -5.21 26.67 -10.03
C LEU B 142 -5.45 25.17 -10.18
N TRP B 143 -6.48 24.81 -10.90
CA TRP B 143 -6.87 23.42 -10.97
C TRP B 143 -6.45 22.74 -12.27
N LYS B 144 -5.78 23.48 -13.14
CA LYS B 144 -5.05 22.90 -14.28
C LYS B 144 -4.41 21.54 -13.94
N PRO B 145 -3.58 21.48 -12.86
CA PRO B 145 -2.87 20.20 -12.73
C PRO B 145 -3.83 19.00 -12.63
N TRP B 146 -5.08 19.24 -12.19
CA TRP B 146 -6.10 18.18 -12.03
C TRP B 146 -7.07 17.97 -13.20
N LEU B 147 -7.49 19.03 -13.90
CA LEU B 147 -8.41 18.89 -15.06
C LEU B 147 -7.70 19.12 -16.38
N ASP B 148 -8.43 18.98 -17.48
CA ASP B 148 -7.80 19.18 -18.78
C ASP B 148 -8.60 20.17 -19.59
N GLU B 149 -8.07 20.54 -20.76
CA GLU B 149 -8.54 21.72 -21.50
C GLU B 149 -10.08 21.84 -21.58
N GLU B 150 -10.76 20.72 -21.89
CA GLU B 150 -12.23 20.74 -22.08
C GLU B 150 -12.91 21.08 -20.76
N ALA B 151 -12.39 20.47 -19.69
CA ALA B 151 -12.80 20.80 -18.32
C ALA B 151 -12.54 22.28 -18.08
N ILE B 152 -11.27 22.67 -18.26
CA ILE B 152 -10.78 24.02 -17.98
C ILE B 152 -11.55 25.10 -18.73
N SER B 153 -11.92 24.80 -19.96
CA SER B 153 -12.68 25.73 -20.81
C SER B 153 -13.99 26.21 -20.21
N THR B 154 -14.95 25.31 -19.94
CA THR B 154 -16.23 25.71 -19.32
C THR B 154 -16.04 26.20 -17.88
N LEU B 155 -14.95 25.79 -17.21
CA LEU B 155 -14.67 26.25 -15.83
C LEU B 155 -14.49 27.78 -15.67
N ARG B 156 -14.04 28.49 -16.73
CA ARG B 156 -13.91 29.95 -16.71
C ARG B 156 -15.13 30.64 -17.34
N LYS B 157 -15.94 29.90 -18.11
CA LYS B 157 -17.24 30.36 -18.67
C LYS B 157 -18.35 30.58 -17.60
N GLY B 158 -18.60 29.55 -16.80
CA GLY B 158 -19.61 29.62 -15.75
C GLY B 158 -19.32 28.78 -14.49
N GLY B 159 -18.07 28.37 -14.27
CA GLY B 159 -17.66 27.71 -13.02
C GLY B 159 -18.02 26.25 -12.88
N PHE B 160 -18.30 25.60 -14.00
CA PHE B 160 -18.55 24.15 -14.05
C PHE B 160 -17.68 23.40 -15.09
N TYR B 161 -17.44 22.11 -14.82
CA TYR B 161 -16.68 21.24 -15.74
C TYR B 161 -17.17 19.81 -15.52
N SER B 162 -16.71 18.88 -16.36
CA SER B 162 -16.88 17.44 -16.15
C SER B 162 -15.66 16.70 -16.62
N GLN B 163 -15.34 15.58 -16.00
CA GLN B 163 -14.04 15.05 -16.26
C GLN B 163 -14.08 13.57 -16.09
N LYS B 164 -13.37 12.89 -16.97
CA LYS B 164 -13.12 11.48 -16.79
C LYS B 164 -12.02 11.32 -15.72
N VAL B 165 -12.20 10.32 -14.84
CA VAL B 165 -11.21 10.08 -13.82
C VAL B 165 -10.00 9.45 -14.51
N THR B 166 -8.80 9.95 -14.19
CA THR B 166 -7.54 9.35 -14.71
C THR B 166 -7.53 7.82 -14.45
N THR B 167 -7.61 7.39 -13.19
CA THR B 167 -7.49 5.94 -12.85
C THR B 167 -8.76 5.13 -12.99
N ASN B 168 -9.82 5.59 -13.62
CA ASN B 168 -11.06 4.81 -13.74
C ASN B 168 -11.71 5.56 -14.85
N PRO B 169 -11.15 5.46 -16.02
CA PRO B 169 -11.45 6.45 -17.08
C PRO B 169 -12.84 6.43 -17.72
N ASN B 170 -13.71 5.48 -17.31
CA ASN B 170 -15.16 5.53 -17.67
C ASN B 170 -16.04 5.98 -16.48
N LEU B 171 -15.38 6.53 -15.45
CA LEU B 171 -16.01 7.28 -14.39
C LEU B 171 -15.84 8.74 -14.75
N ARG B 172 -16.94 9.44 -15.00
CA ARG B 172 -16.92 10.90 -15.21
C ARG B 172 -17.58 11.68 -14.06
N ILE B 173 -16.77 12.40 -13.29
CA ILE B 173 -17.30 13.33 -12.31
C ILE B 173 -17.89 14.48 -13.09
N ILE B 174 -19.17 14.78 -12.86
CA ILE B 174 -19.72 16.10 -13.24
C ILE B 174 -19.85 17.10 -12.05
N SER B 175 -18.81 17.92 -11.83
CA SER B 175 -18.81 19.05 -10.86
C SER B 175 -19.60 20.25 -11.37
N LEU B 176 -20.73 20.52 -10.69
CA LEU B 176 -21.65 21.62 -11.01
C LEU B 176 -21.51 22.79 -10.05
N ASN B 177 -21.94 23.93 -10.57
CA ASN B 177 -22.04 25.16 -9.82
C ASN B 177 -23.50 25.40 -9.52
N THR B 178 -23.92 24.92 -8.36
CA THR B 178 -25.29 25.06 -7.94
C THR B 178 -25.46 26.34 -7.13
N ASN B 179 -24.37 27.09 -7.01
CA ASN B 179 -24.41 28.44 -6.51
C ASN B 179 -25.13 29.39 -7.49
N LEU B 180 -25.23 28.98 -8.75
CA LEU B 180 -26.07 29.68 -9.77
C LEU B 180 -27.60 29.64 -9.47
N TYR B 181 -28.02 28.58 -8.79
CA TYR B 181 -29.41 28.38 -8.42
C TYR B 181 -29.73 28.73 -6.98
N TYR B 182 -28.76 29.28 -6.25
CA TYR B 182 -28.90 29.62 -4.82
C TYR B 182 -29.70 30.89 -4.61
N GLY B 183 -30.62 30.84 -3.65
CA GLY B 183 -31.53 31.96 -3.40
C GLY B 183 -30.89 33.32 -3.54
N PRO B 184 -30.01 33.69 -2.58
CA PRO B 184 -29.32 34.99 -2.50
C PRO B 184 -28.52 35.47 -3.74
N ASN B 185 -28.31 34.60 -4.73
CA ASN B 185 -27.58 34.96 -5.96
C ASN B 185 -28.37 35.91 -6.85
N ILE B 186 -28.01 37.19 -6.81
CA ILE B 186 -28.74 38.25 -7.54
C ILE B 186 -28.48 38.23 -9.05
N MET B 187 -27.30 37.79 -9.47
CA MET B 187 -26.98 37.64 -10.91
C MET B 187 -27.98 36.77 -11.67
N THR B 188 -28.43 35.66 -11.07
CA THR B 188 -29.28 34.65 -11.75
C THR B 188 -30.80 34.78 -11.52
N LEU B 189 -31.24 35.87 -10.88
CA LEU B 189 -32.69 36.17 -10.77
C LEU B 189 -33.44 36.15 -12.12
N ASN B 190 -34.65 35.60 -12.10
CA ASN B 190 -35.52 35.55 -13.27
C ASN B 190 -34.90 34.91 -14.52
N LYS B 191 -33.77 34.21 -14.37
CA LYS B 191 -33.10 33.52 -15.49
C LYS B 191 -33.59 32.07 -15.68
N THR B 192 -34.25 31.83 -16.80
CA THR B 192 -34.66 30.49 -17.25
C THR B 192 -33.59 29.36 -17.11
N ASP B 193 -32.35 29.65 -17.47
CA ASP B 193 -31.26 28.66 -17.42
C ASP B 193 -29.91 29.39 -17.33
N PRO B 194 -29.43 29.63 -16.09
CA PRO B 194 -28.20 30.40 -15.91
C PRO B 194 -26.99 29.70 -16.52
N ALA B 195 -26.07 30.48 -17.08
CA ALA B 195 -24.83 30.01 -17.72
C ALA B 195 -24.97 28.73 -18.53
N ASN B 196 -26.14 28.55 -19.16
CA ASN B 196 -26.59 27.31 -19.85
C ASN B 196 -26.08 25.98 -19.25
N GLN B 197 -26.50 25.72 -18.03
CA GLN B 197 -25.98 24.62 -17.26
C GLN B 197 -26.83 23.39 -17.38
N PHE B 198 -28.14 23.59 -17.47
CA PHE B 198 -29.05 22.47 -17.59
C PHE B 198 -28.88 21.84 -18.98
N GLU B 199 -28.71 22.70 -19.99
CA GLU B 199 -28.43 22.29 -21.37
C GLU B 199 -27.18 21.41 -21.43
N TRP B 200 -26.12 21.88 -20.78
CA TRP B 200 -24.84 21.16 -20.71
C TRP B 200 -24.89 19.90 -19.80
N LEU B 201 -25.71 19.94 -18.76
CA LEU B 201 -25.96 18.78 -17.89
C LEU B 201 -26.65 17.66 -18.69
N GLU B 202 -27.81 18.01 -19.26
CA GLU B 202 -28.52 17.13 -20.19
C GLU B 202 -27.59 16.61 -21.28
N SER B 203 -26.83 17.52 -21.89
CA SER B 203 -25.83 17.20 -22.94
C SER B 203 -24.75 16.21 -22.47
N THR B 204 -24.15 16.47 -21.30
CA THR B 204 -23.07 15.63 -20.78
C THR B 204 -23.56 14.26 -20.28
N LEU B 205 -24.76 14.23 -19.69
CA LEU B 205 -25.35 12.98 -19.20
C LEU B 205 -25.75 12.09 -20.38
N ASN B 206 -26.55 12.65 -21.30
CA ASN B 206 -26.88 12.00 -22.57
C ASN B 206 -25.63 11.37 -23.24
N ASN B 207 -24.57 12.17 -23.34
CA ASN B 207 -23.26 11.73 -23.84
C ASN B 207 -22.74 10.48 -23.10
N SER B 208 -22.83 10.44 -21.78
CA SER B 208 -22.32 9.30 -21.00
C SER B 208 -23.19 8.05 -21.15
N GLN B 209 -24.49 8.28 -21.39
CA GLN B 209 -25.50 7.22 -21.47
C GLN B 209 -25.16 6.22 -22.55
N GLN B 210 -24.55 6.69 -23.65
CA GLN B 210 -24.19 5.83 -24.77
C GLN B 210 -22.75 5.33 -24.74
N ASN B 211 -21.84 6.10 -24.16
CA ASN B 211 -20.40 5.72 -24.15
C ASN B 211 -20.06 4.74 -23.03
N LYS B 212 -21.06 4.00 -22.54
CA LYS B 212 -20.89 3.09 -21.42
C LYS B 212 -20.15 3.82 -20.31
N GLU B 213 -20.69 4.95 -19.88
CA GLU B 213 -20.06 5.72 -18.82
C GLU B 213 -20.99 5.90 -17.61
N LYS B 214 -20.35 5.94 -16.43
CA LYS B 214 -21.03 6.20 -15.17
C LYS B 214 -20.63 7.59 -14.66
N VAL B 215 -21.64 8.34 -14.23
CA VAL B 215 -21.46 9.68 -13.75
C VAL B 215 -21.61 9.72 -12.22
N TYR B 216 -20.73 10.48 -11.57
CA TYR B 216 -20.82 10.88 -10.17
C TYR B 216 -21.08 12.38 -10.11
N ILE B 217 -22.16 12.82 -9.48
CA ILE B 217 -22.39 14.26 -9.41
C ILE B 217 -21.78 14.91 -8.18
N ILE B 218 -20.99 15.93 -8.43
CA ILE B 218 -20.36 16.76 -7.42
C ILE B 218 -21.07 18.11 -7.53
N ALA B 219 -21.57 18.61 -6.41
CA ALA B 219 -21.95 20.02 -6.35
C ALA B 219 -21.84 20.52 -4.93
N HIS B 220 -22.10 21.84 -4.77
CA HIS B 220 -22.13 22.51 -3.44
C HIS B 220 -23.52 22.58 -2.77
N VAL B 221 -24.36 23.50 -3.24
CA VAL B 221 -25.70 23.63 -2.72
C VAL B 221 -26.43 22.38 -3.20
N PRO B 222 -26.91 21.54 -2.28
CA PRO B 222 -27.58 20.36 -2.78
C PRO B 222 -28.99 20.68 -3.37
N VAL B 223 -29.58 19.67 -4.00
CA VAL B 223 -31.02 19.66 -4.26
C VAL B 223 -31.88 19.29 -3.03
N GLY B 224 -33.18 19.44 -3.20
CA GLY B 224 -34.15 18.97 -2.23
C GLY B 224 -34.30 19.92 -1.07
N TYR B 225 -34.93 19.41 -0.02
CA TYR B 225 -35.33 20.24 1.10
C TYR B 225 -34.26 20.29 2.18
N LEU B 226 -34.07 21.45 2.78
CA LEU B 226 -33.15 21.55 3.88
C LEU B 226 -33.77 20.75 4.99
N PRO B 227 -32.99 19.90 5.65
CA PRO B 227 -33.72 19.02 6.56
C PRO B 227 -34.13 19.72 7.87
N SER B 228 -33.45 20.78 8.27
CA SER B 228 -33.68 21.31 9.60
C SER B 228 -34.64 22.49 9.62
N SER B 229 -35.52 22.51 8.61
CA SER B 229 -36.54 23.56 8.43
C SER B 229 -37.67 23.14 7.43
N GLN B 230 -38.86 23.76 7.56
CA GLN B 230 -40.06 23.33 6.79
C GLN B 230 -40.31 23.99 5.40
N ASN B 231 -40.53 23.15 4.39
CA ASN B 231 -40.85 23.56 3.02
C ASN B 231 -39.82 24.38 2.32
N ILE B 232 -38.59 24.42 2.80
CA ILE B 232 -37.57 25.24 2.14
C ILE B 232 -36.56 24.40 1.37
N THR B 233 -36.61 24.46 0.04
CA THR B 233 -35.58 23.83 -0.75
C THR B 233 -34.35 24.68 -0.51
N ALA B 234 -33.19 24.18 -0.88
CA ALA B 234 -31.94 24.88 -0.57
C ALA B 234 -31.62 25.88 -1.67
N MET B 235 -31.73 25.38 -2.90
CA MET B 235 -31.70 26.17 -4.11
C MET B 235 -33.00 26.91 -4.18
N ARG B 236 -33.23 27.60 -5.29
CA ARG B 236 -34.59 28.08 -5.62
C ARG B 236 -35.50 26.93 -6.10
N GLU B 237 -36.66 26.85 -5.44
CA GLU B 237 -37.68 25.89 -5.76
C GLU B 237 -37.69 25.59 -7.22
N TYR B 238 -37.61 26.67 -8.01
CA TYR B 238 -37.69 26.58 -9.48
C TYR B 238 -36.59 25.71 -10.07
N TYR B 239 -35.35 25.89 -9.63
CA TYR B 239 -34.27 25.11 -10.19
C TYR B 239 -34.25 23.74 -9.56
N ASN B 240 -34.58 23.64 -8.26
CA ASN B 240 -34.58 22.34 -7.63
C ASN B 240 -35.43 21.36 -8.43
N GLU B 241 -36.63 21.82 -8.79
CA GLU B 241 -37.60 21.03 -9.60
C GLU B 241 -37.03 20.58 -10.94
N LYS B 242 -36.29 21.51 -11.58
CA LYS B 242 -35.73 21.35 -12.92
C LYS B 242 -34.57 20.35 -12.93
N LEU B 243 -33.79 20.34 -11.86
CA LEU B 243 -32.68 19.40 -11.69
C LEU B 243 -33.14 18.02 -11.26
N ILE B 244 -34.21 17.98 -10.47
CA ILE B 244 -34.80 16.70 -10.04
C ILE B 244 -35.20 15.90 -11.27
N ASP B 245 -36.01 16.54 -12.11
CA ASP B 245 -36.45 15.94 -13.35
C ASP B 245 -35.26 15.45 -14.15
N ILE B 246 -34.23 16.28 -14.29
CA ILE B 246 -33.00 15.88 -14.99
C ILE B 246 -32.37 14.67 -14.32
N PHE B 247 -32.36 14.65 -12.99
CA PHE B 247 -31.74 13.55 -12.26
C PHE B 247 -32.59 12.31 -12.43
N GLN B 248 -33.91 12.52 -12.42
CA GLN B 248 -34.86 11.44 -12.66
C GLN B 248 -34.66 10.78 -14.00
N LYS B 249 -34.75 11.56 -15.08
CA LYS B 249 -34.53 11.02 -16.43
C LYS B 249 -33.24 10.16 -16.54
N TYR B 250 -32.10 10.69 -16.08
CA TYR B 250 -30.79 10.06 -16.29
C TYR B 250 -30.25 9.26 -15.08
N SER B 251 -31.15 8.70 -14.26
CA SER B 251 -30.75 8.06 -13.00
C SER B 251 -29.93 6.79 -13.21
N ASP B 252 -30.17 6.13 -14.36
CA ASP B 252 -29.41 4.94 -14.74
C ASP B 252 -27.92 5.25 -14.95
N VAL B 253 -27.59 6.50 -15.25
CA VAL B 253 -26.18 6.92 -15.45
C VAL B 253 -25.49 7.39 -14.18
N ILE B 254 -26.22 8.13 -13.34
CA ILE B 254 -25.67 8.70 -12.10
C ILE B 254 -25.63 7.59 -11.04
N ALA B 255 -24.44 7.34 -10.48
CA ALA B 255 -24.23 6.24 -9.54
C ALA B 255 -23.95 6.73 -8.12
N GLY B 256 -24.35 7.97 -7.84
CA GLY B 256 -24.03 8.68 -6.59
C GLY B 256 -24.00 10.16 -6.88
N GLN B 257 -24.51 10.97 -5.97
CA GLN B 257 -24.40 12.42 -6.08
C GLN B 257 -23.83 12.92 -4.78
N PHE B 258 -23.08 14.03 -4.83
CA PHE B 258 -22.29 14.48 -3.67
C PHE B 258 -22.25 16.02 -3.41
N TYR B 259 -22.71 16.40 -2.21
CA TYR B 259 -22.92 17.79 -1.80
C TYR B 259 -22.37 18.17 -0.38
N GLY B 260 -22.32 19.48 -0.10
CA GLY B 260 -21.95 20.07 1.19
C GLY B 260 -22.96 21.18 1.41
N HIS B 261 -22.50 22.41 1.73
CA HIS B 261 -23.33 23.65 1.95
C HIS B 261 -24.05 23.60 3.26
N THR B 262 -24.77 22.53 3.54
CA THR B 262 -25.48 22.39 4.82
C THR B 262 -24.64 22.31 6.07
N HIS B 263 -23.35 21.91 5.91
CA HIS B 263 -22.38 21.68 7.00
C HIS B 263 -22.71 20.46 7.87
N ARG B 264 -23.56 19.58 7.32
CA ARG B 264 -24.24 18.55 8.10
C ARG B 264 -24.19 17.19 7.39
N ASP B 265 -24.28 16.12 8.16
CA ASP B 265 -24.34 14.75 7.59
C ASP B 265 -25.79 14.22 7.26
N SER B 266 -26.09 14.14 5.98
CA SER B 266 -27.46 13.91 5.56
C SER B 266 -27.55 12.97 4.36
N ILE B 267 -28.39 11.91 4.41
CA ILE B 267 -28.64 11.17 3.19
C ILE B 267 -29.96 11.65 2.61
N MET B 268 -30.08 11.51 1.29
CA MET B 268 -31.32 11.74 0.54
C MET B 268 -31.40 10.69 -0.57
N VAL B 269 -32.61 10.56 -1.13
CA VAL B 269 -32.97 9.46 -2.01
C VAL B 269 -33.94 10.00 -3.03
N LEU B 270 -33.50 9.99 -4.28
CA LEU B 270 -34.35 10.43 -5.38
C LEU B 270 -35.25 9.27 -5.69
N SER B 271 -36.56 9.52 -5.76
CA SER B 271 -37.46 8.52 -6.35
C SER B 271 -37.83 8.91 -7.80
N ASP B 272 -38.23 7.94 -8.61
CA ASP B 272 -38.66 8.24 -9.98
C ASP B 272 -40.08 8.81 -9.93
N LYS B 273 -40.57 9.28 -11.08
CA LYS B 273 -41.91 9.85 -11.21
C LYS B 273 -43.03 8.95 -10.64
N LYS B 274 -42.87 7.64 -10.80
CA LYS B 274 -43.77 6.63 -10.24
C LYS B 274 -43.79 6.70 -8.71
N GLY B 275 -42.62 6.72 -8.08
CA GLY B 275 -42.48 6.68 -6.61
C GLY B 275 -41.44 5.67 -6.08
N SER B 276 -40.71 5.00 -6.96
CA SER B 276 -39.70 4.01 -6.58
C SER B 276 -38.26 4.55 -6.61
N PRO B 277 -37.47 4.30 -5.55
CA PRO B 277 -36.13 4.87 -5.38
C PRO B 277 -35.16 4.58 -6.50
N VAL B 278 -34.53 5.60 -7.06
CA VAL B 278 -33.59 5.42 -8.20
C VAL B 278 -32.17 6.01 -8.06
N ASN B 279 -31.98 7.07 -7.28
CA ASN B 279 -30.65 7.71 -7.11
C ASN B 279 -30.31 7.98 -5.63
N SER B 280 -29.05 7.69 -5.26
CA SER B 280 -28.54 7.92 -3.90
C SER B 280 -27.76 9.22 -3.80
N LEU B 281 -28.23 10.13 -2.93
CA LEU B 281 -27.55 11.39 -2.63
C LEU B 281 -26.88 11.43 -1.24
N PHE B 282 -25.79 12.20 -1.14
CA PHE B 282 -24.91 12.15 0.03
C PHE B 282 -24.22 13.48 0.38
N VAL B 283 -24.92 14.28 1.20
CA VAL B 283 -24.44 15.58 1.62
C VAL B 283 -23.42 15.42 2.75
N ALA B 284 -22.19 15.87 2.55
CA ALA B 284 -21.15 15.76 3.57
C ALA B 284 -21.11 16.94 4.53
N PRO B 285 -20.70 16.71 5.78
CA PRO B 285 -20.49 17.86 6.66
C PRO B 285 -19.18 18.65 6.41
N ALA B 286 -19.08 19.81 7.02
CA ALA B 286 -17.92 20.65 6.88
C ALA B 286 -16.73 20.17 7.68
N VAL B 287 -15.61 20.85 7.42
CA VAL B 287 -14.41 20.80 8.28
C VAL B 287 -14.49 21.84 9.40
N THR B 288 -15.04 23.01 9.08
CA THR B 288 -15.31 24.04 10.08
C THR B 288 -16.42 23.64 11.08
N PRO B 289 -16.23 24.06 12.31
CA PRO B 289 -17.24 23.89 13.32
C PRO B 289 -18.14 25.11 13.48
N VAL B 290 -17.95 26.13 12.65
CA VAL B 290 -18.46 27.46 12.97
C VAL B 290 -20.00 27.48 13.12
N LYS B 291 -20.48 28.35 14.02
CA LYS B 291 -21.93 28.56 14.25
C LYS B 291 -22.33 29.94 14.86
N SER B 292 -23.63 30.24 14.86
CA SER B 292 -24.15 31.47 15.46
CA SER B 292 -24.18 31.47 15.47
C SER B 292 -24.22 31.34 16.97
N VAL B 293 -24.08 32.46 17.64
CA VAL B 293 -24.13 32.45 19.08
C VAL B 293 -25.45 31.84 19.57
N LEU B 294 -26.54 32.11 18.87
CA LEU B 294 -27.89 31.70 19.31
C LEU B 294 -28.23 30.21 19.14
N GLU B 295 -27.41 29.54 18.35
CA GLU B 295 -27.56 28.15 17.97
C GLU B 295 -26.94 27.24 18.94
N LYS B 296 -27.68 26.25 19.38
CA LYS B 296 -27.19 25.32 20.37
C LYS B 296 -26.31 24.31 19.80
N GLN B 297 -26.53 24.01 18.54
CA GLN B 297 -25.82 22.97 17.85
C GLN B 297 -25.04 23.33 16.64
N THR B 298 -23.93 22.63 16.43
CA THR B 298 -23.11 22.72 15.22
C THR B 298 -22.56 21.35 14.94
N ASN B 299 -21.65 21.21 14.03
CA ASN B 299 -21.07 19.93 13.78
C ASN B 299 -19.69 19.85 14.28
N ASN B 300 -19.17 18.65 14.39
CA ASN B 300 -17.75 18.54 14.59
C ASN B 300 -17.16 18.53 13.18
N PRO B 301 -15.89 19.05 13.07
CA PRO B 301 -15.11 18.94 11.84
C PRO B 301 -15.15 17.50 11.31
N GLY B 302 -15.49 17.37 10.03
CA GLY B 302 -15.83 16.08 9.45
C GLY B 302 -15.25 15.89 8.08
N ILE B 303 -14.89 14.64 7.80
CA ILE B 303 -14.12 14.24 6.64
C ILE B 303 -14.72 12.86 6.41
N ARG B 304 -14.87 12.42 5.16
CA ARG B 304 -15.34 11.06 4.89
C ARG B 304 -14.67 10.37 3.72
N LEU B 305 -14.87 9.07 3.69
CA LEU B 305 -14.28 8.20 2.71
C LEU B 305 -15.32 7.24 2.12
N PHE B 306 -15.50 7.39 0.80
CA PHE B 306 -16.40 6.52 0.02
C PHE B 306 -15.70 5.32 -0.59
N GLN B 307 -16.43 4.19 -0.61
CA GLN B 307 -16.03 2.97 -1.29
C GLN B 307 -16.98 2.72 -2.46
N TYR B 308 -16.42 2.10 -3.51
CA TYR B 308 -17.15 1.77 -4.72
C TYR B 308 -16.61 0.48 -5.36
N ASP B 309 -17.38 -0.01 -6.31
CA ASP B 309 -17.04 -1.17 -7.08
C ASP B 309 -16.43 -0.58 -8.36
N PRO B 310 -15.14 -0.89 -8.67
CA PRO B 310 -14.46 -0.38 -9.89
C PRO B 310 -15.06 -0.79 -11.25
N ARG B 311 -15.87 -1.86 -11.23
CA ARG B 311 -16.60 -2.26 -12.42
C ARG B 311 -17.72 -1.29 -12.79
N ASP B 312 -18.75 -1.15 -11.94
CA ASP B 312 -19.93 -0.30 -12.29
C ASP B 312 -20.02 1.03 -11.50
N TYR B 313 -19.03 1.25 -10.62
CA TYR B 313 -18.98 2.44 -9.73
C TYR B 313 -20.25 2.56 -8.91
N LYS B 314 -20.71 1.40 -8.43
CA LYS B 314 -21.82 1.28 -7.51
C LYS B 314 -21.24 1.55 -6.12
N LEU B 315 -21.94 2.35 -5.33
CA LEU B 315 -21.42 2.70 -4.01
C LEU B 315 -21.53 1.52 -3.01
N LEU B 316 -20.42 1.14 -2.43
CA LEU B 316 -20.42 0.03 -1.49
C LEU B 316 -20.63 0.51 -0.10
N ASP B 317 -20.03 1.63 0.27
CA ASP B 317 -20.11 2.09 1.65
C ASP B 317 -19.63 3.52 1.80
N MET B 318 -19.80 4.06 3.01
CA MET B 318 -19.15 5.29 3.41
C MET B 318 -18.58 5.27 4.85
N LEU B 319 -17.33 5.72 5.04
CA LEU B 319 -16.81 5.89 6.41
C LEU B 319 -16.73 7.36 6.73
N GLN B 320 -17.18 7.69 7.93
CA GLN B 320 -17.21 9.06 8.37
C GLN B 320 -16.21 9.23 9.43
N TYR B 321 -15.26 10.15 9.14
CA TYR B 321 -14.22 10.61 10.08
C TYR B 321 -14.61 11.94 10.66
N TYR B 322 -14.08 12.23 11.84
CA TYR B 322 -14.44 13.44 12.57
C TYR B 322 -13.40 13.84 13.64
N LEU B 323 -13.49 15.10 14.08
CA LEU B 323 -12.63 15.64 15.16
C LEU B 323 -13.51 16.02 16.35
N ASN B 324 -13.39 15.31 17.48
CA ASN B 324 -13.97 15.81 18.74
C ASN B 324 -13.12 17.05 19.12
N LEU B 325 -13.59 18.20 18.60
CA LEU B 325 -12.95 19.52 18.74
C LEU B 325 -12.62 19.82 20.20
N THR B 326 -13.62 19.78 21.07
CA THR B 326 -13.44 20.02 22.51
C THR B 326 -12.32 19.24 23.15
N GLU B 327 -12.28 17.94 22.87
CA GLU B 327 -11.19 17.07 23.32
C GLU B 327 -9.99 17.56 22.54
N ALA B 328 -10.07 17.53 21.22
CA ALA B 328 -8.94 17.95 20.37
C ALA B 328 -8.28 19.23 20.86
N ASN B 329 -9.05 20.15 21.40
CA ASN B 329 -8.46 21.30 22.04
C ASN B 329 -7.96 20.91 23.40
N LEU B 330 -8.80 20.35 24.28
CA LEU B 330 -8.39 19.96 25.66
C LEU B 330 -7.01 19.32 25.75
N LYS B 331 -6.73 18.35 24.86
CA LYS B 331 -5.43 17.66 24.82
C LYS B 331 -4.42 18.46 23.99
N GLY B 332 -4.94 19.22 23.04
CA GLY B 332 -4.12 19.96 22.11
C GLY B 332 -3.47 18.95 21.20
N GLU B 333 -4.27 18.07 20.59
CA GLU B 333 -3.80 17.14 19.54
C GLU B 333 -4.91 16.87 18.48
N SER B 334 -4.50 16.62 17.23
CA SER B 334 -5.43 16.27 16.13
C SER B 334 -5.91 14.85 16.18
N ILE B 335 -6.78 14.54 17.14
CA ILE B 335 -7.27 13.18 17.28
C ILE B 335 -8.41 12.96 16.27
N TRP B 336 -8.04 12.72 15.00
CA TRP B 336 -9.03 12.41 13.98
C TRP B 336 -9.50 10.99 14.22
N LYS B 337 -10.76 10.86 14.62
CA LYS B 337 -11.33 9.54 14.88
C LYS B 337 -12.27 9.14 13.74
N LEU B 338 -12.72 7.89 13.80
CA LEU B 338 -13.73 7.33 12.93
C LEU B 338 -15.07 7.49 13.64
N GLU B 339 -16.07 8.06 12.97
CA GLU B 339 -17.39 8.26 13.57
C GLU B 339 -18.23 7.05 13.26
N TYR B 340 -18.27 6.66 11.99
CA TYR B 340 -19.01 5.48 11.62
C TYR B 340 -18.66 4.96 10.25
N ILE B 341 -18.97 3.67 10.08
CA ILE B 341 -19.01 2.98 8.77
C ILE B 341 -20.48 2.74 8.37
N LEU B 342 -20.93 3.34 7.26
CA LEU B 342 -22.35 3.52 7.04
C LEU B 342 -23.17 2.23 7.16
N THR B 343 -22.78 1.20 6.42
CA THR B 343 -23.53 -0.09 6.43
C THR B 343 -23.47 -0.78 7.79
N GLN B 344 -22.36 -0.58 8.53
CA GLN B 344 -22.21 -1.11 9.89
C GLN B 344 -23.26 -0.60 10.88
N THR B 345 -23.31 0.71 11.10
CA THR B 345 -24.18 1.29 12.13
C THR B 345 -25.66 1.28 11.79
N TYR B 346 -25.98 1.09 10.51
CA TYR B 346 -27.37 0.97 10.12
C TYR B 346 -27.78 -0.46 9.81
N ASP B 347 -26.79 -1.31 9.58
CA ASP B 347 -27.03 -2.69 9.20
C ASP B 347 -27.87 -2.83 7.92
N ILE B 348 -27.35 -2.25 6.84
CA ILE B 348 -27.94 -2.33 5.52
C ILE B 348 -26.85 -2.85 4.58
N GLU B 349 -27.24 -3.35 3.41
CA GLU B 349 -26.33 -4.10 2.51
C GLU B 349 -25.22 -3.25 1.89
N ASP B 350 -25.63 -2.16 1.26
CA ASP B 350 -24.75 -1.28 0.49
C ASP B 350 -25.31 0.15 0.51
N LEU B 351 -24.96 0.97 -0.48
CA LEU B 351 -25.45 2.31 -0.59
C LEU B 351 -26.28 2.42 -1.84
N GLN B 352 -27.04 1.39 -2.17
CA GLN B 352 -27.97 1.47 -3.29
C GLN B 352 -29.15 2.36 -2.92
N PRO B 353 -29.95 2.79 -3.89
CA PRO B 353 -31.12 3.59 -3.54
C PRO B 353 -32.17 2.81 -2.74
N GLU B 354 -32.32 1.52 -3.05
CA GLU B 354 -33.29 0.67 -2.33
C GLU B 354 -32.79 0.50 -0.89
N SER B 355 -31.51 0.16 -0.73
CA SER B 355 -30.90 -0.01 0.62
C SER B 355 -31.13 1.15 1.59
N LEU B 356 -31.03 2.38 1.08
CA LEU B 356 -31.17 3.60 1.89
C LEU B 356 -32.62 4.05 2.02
N TYR B 357 -33.45 3.76 1.01
CA TYR B 357 -34.88 4.02 1.13
C TYR B 357 -35.40 3.22 2.29
N GLY B 358 -35.02 1.93 2.29
CA GLY B 358 -35.35 1.00 3.36
C GLY B 358 -34.97 1.43 4.76
N LEU B 359 -33.80 2.08 4.86
CA LEU B 359 -33.37 2.71 6.10
C LEU B 359 -34.25 3.92 6.51
N ALA B 360 -34.58 4.82 5.56
CA ALA B 360 -35.44 6.01 5.83
C ALA B 360 -36.80 5.66 6.46
N LYS B 361 -37.31 4.49 6.05
CA LYS B 361 -38.55 3.94 6.54
C LYS B 361 -38.36 3.51 7.99
N GLN B 362 -37.22 2.91 8.31
CA GLN B 362 -36.95 2.52 9.69
C GLN B 362 -36.88 3.72 10.61
N PHE B 363 -36.47 4.85 10.10
CA PHE B 363 -36.49 6.06 10.92
C PHE B 363 -37.91 6.45 11.29
N THR B 364 -38.86 6.21 10.38
CA THR B 364 -40.29 6.55 10.58
C THR B 364 -41.00 5.76 11.73
N ILE B 365 -40.35 4.67 12.15
CA ILE B 365 -40.78 3.88 13.31
C ILE B 365 -40.94 4.82 14.54
N LEU B 366 -42.06 4.77 15.25
CA LEU B 366 -42.18 5.51 16.52
C LEU B 366 -40.93 5.21 17.37
N ASP B 367 -40.26 6.27 17.83
CA ASP B 367 -39.05 6.14 18.68
C ASP B 367 -37.91 5.33 18.05
N SER B 368 -37.77 5.37 16.72
CA SER B 368 -36.67 4.67 16.00
C SER B 368 -35.26 4.96 16.54
N LYS B 369 -34.62 3.92 17.07
CA LYS B 369 -33.23 3.97 17.54
C LYS B 369 -32.31 4.25 16.35
N GLN B 370 -32.77 3.92 15.14
CA GLN B 370 -32.01 4.19 13.92
C GLN B 370 -31.90 5.69 13.63
N PHE B 371 -33.05 6.39 13.61
CA PHE B 371 -33.11 7.85 13.43
C PHE B 371 -32.40 8.59 14.52
N ILE B 372 -32.37 8.02 15.73
CA ILE B 372 -31.62 8.67 16.82
C ILE B 372 -30.14 8.72 16.42
N LYS B 373 -29.61 7.62 15.86
CA LYS B 373 -28.21 7.61 15.37
C LYS B 373 -27.99 8.68 14.30
N TYR B 374 -28.86 8.60 13.29
CA TYR B 374 -28.84 9.53 12.19
C TYR B 374 -28.76 10.95 12.72
N TYR B 375 -29.54 11.24 13.75
CA TYR B 375 -29.61 12.60 14.23
C TYR B 375 -28.41 13.01 15.10
N ASN B 376 -27.75 12.03 15.73
CA ASN B 376 -26.46 12.29 16.36
C ASN B 376 -25.52 12.64 15.23
N TYR B 377 -25.40 11.69 14.31
CA TYR B 377 -24.41 11.79 13.24
C TYR B 377 -24.65 13.05 12.47
N PHE B 378 -25.91 13.45 12.36
CA PHE B 378 -26.29 14.66 11.64
C PHE B 378 -25.48 15.90 12.03
N PHE B 379 -25.26 16.09 13.33
CA PHE B 379 -24.37 17.16 13.84
C PHE B 379 -22.95 16.61 14.03
N VAL B 380 -22.63 15.52 13.31
CA VAL B 380 -21.32 14.88 13.39
C VAL B 380 -20.91 14.74 14.87
N SER B 381 -21.81 14.09 15.62
CA SER B 381 -21.55 13.65 17.01
C SER B 381 -21.23 14.81 17.94
N TYR B 382 -21.72 15.99 17.60
CA TYR B 382 -21.40 17.19 18.38
C TYR B 382 -21.99 17.16 19.79
N ASP B 383 -23.25 16.76 19.92
CA ASP B 383 -23.82 16.52 21.23
C ASP B 383 -24.18 15.03 21.28
N SER B 384 -23.53 14.33 22.22
CA SER B 384 -23.78 12.90 22.41
C SER B 384 -25.09 12.75 23.12
N SER B 385 -25.53 13.82 23.76
CA SER B 385 -26.84 13.84 24.39
C SER B 385 -27.70 14.94 23.79
N VAL B 386 -27.90 14.85 22.48
CA VAL B 386 -28.87 15.71 21.79
C VAL B 386 -30.21 14.96 21.62
N THR B 387 -31.30 15.67 21.35
CA THR B 387 -32.61 15.04 21.21
C THR B 387 -33.39 15.68 20.08
N CYS B 388 -34.63 15.25 19.86
CA CYS B 388 -35.38 15.73 18.71
C CYS B 388 -36.88 15.47 18.85
N ASP B 389 -37.69 16.52 18.80
CA ASP B 389 -39.15 16.37 18.88
C ASP B 389 -39.81 15.90 17.54
N LYS B 390 -41.13 15.66 17.58
CA LYS B 390 -41.85 15.05 16.46
C LYS B 390 -41.76 15.90 15.21
N THR B 391 -41.71 17.22 15.40
CA THR B 391 -41.79 18.13 14.28
C THR B 391 -40.44 18.14 13.56
N CYS B 392 -39.37 18.32 14.33
CA CYS B 392 -38.01 18.35 13.75
C CYS B 392 -37.69 17.06 13.01
N LYS B 393 -38.22 15.94 13.52
CA LYS B 393 -38.05 14.63 12.92
C LYS B 393 -38.85 14.48 11.64
N ALA B 394 -40.10 14.90 11.65
CA ALA B 394 -40.88 14.93 10.43
C ALA B 394 -40.15 15.80 9.39
N PHE B 395 -39.57 16.91 9.80
CA PHE B 395 -38.83 17.75 8.87
C PHE B 395 -37.60 17.08 8.23
N GLN B 396 -37.05 16.07 8.91
CA GLN B 396 -35.92 15.28 8.43
C GLN B 396 -36.40 14.13 7.53
N ILE B 397 -37.41 13.40 7.98
CA ILE B 397 -37.90 12.20 7.27
C ILE B 397 -38.39 12.60 5.90
N CYS B 398 -39.24 13.59 5.89
CA CYS B 398 -39.81 14.02 4.67
C CYS B 398 -38.79 14.72 3.77
N ALA B 399 -37.51 14.79 4.13
CA ALA B 399 -36.56 15.41 3.27
C ALA B 399 -35.63 14.42 2.74
N ILE B 400 -35.46 13.36 3.47
CA ILE B 400 -34.59 12.28 3.07
C ILE B 400 -35.30 11.51 1.99
N MET B 401 -36.61 11.50 2.05
CA MET B 401 -37.40 10.76 1.12
C MET B 401 -38.07 11.52 0.03
N ASN B 402 -38.37 12.78 0.24
CA ASN B 402 -39.02 13.57 -0.80
C ASN B 402 -38.17 14.70 -1.32
N LEU B 403 -37.97 14.78 -2.62
CA LEU B 403 -37.12 15.80 -3.19
C LEU B 403 -37.84 16.93 -3.86
N ASP B 404 -38.98 16.67 -4.49
CA ASP B 404 -39.79 17.71 -5.13
C ASP B 404 -40.93 18.09 -4.22
N ASN B 405 -41.76 19.06 -4.58
CA ASN B 405 -42.81 19.51 -3.65
C ASN B 405 -44.15 18.86 -3.64
N ILE B 406 -44.39 18.06 -4.64
CA ILE B 406 -45.62 17.35 -4.70
C ILE B 406 -45.39 16.29 -3.69
N SER B 407 -44.31 15.57 -3.84
CA SER B 407 -43.99 14.54 -2.91
C SER B 407 -43.88 15.10 -1.52
N TYR B 408 -42.96 16.02 -1.35
CA TYR B 408 -42.72 16.64 -0.09
C TYR B 408 -43.96 17.11 0.60
N ALA B 409 -44.90 17.60 -0.17
CA ALA B 409 -46.12 18.11 0.38
C ALA B 409 -47.08 17.01 0.81
N ASP B 410 -47.24 15.95 0.03
CA ASP B 410 -48.12 14.88 0.46
C ASP B 410 -47.62 14.39 1.80
N CYS B 411 -46.42 14.81 2.19
CA CYS B 411 -45.83 14.50 3.49
C CYS B 411 -46.53 15.44 4.49
N LEU B 412 -47.84 15.60 4.28
CA LEU B 412 -48.80 16.41 5.11
C LEU B 412 -49.39 15.21 5.86
N LYS B 413 -48.99 13.97 5.51
CA LYS B 413 -49.37 12.75 6.24
C LYS B 413 -49.12 12.83 7.77
N GLN B 414 -48.48 13.93 8.23
CA GLN B 414 -48.39 14.33 9.66
C GLN B 414 -49.07 15.70 10.01
N LEU B 415 -48.59 16.83 9.45
CA LEU B 415 -49.28 18.12 9.63
C LEU B 415 -48.88 19.17 8.56
N PRO C 1 -3.15 -16.83 2.82
CA PRO C 1 -2.77 -15.65 2.05
C PRO C 1 -1.30 -15.27 2.22
N PRO C 2 -0.79 -14.34 1.33
CA PRO C 2 0.59 -13.94 1.56
C PRO C 2 0.47 -12.59 2.20
N PRO C 3 1.38 -12.25 3.08
CA PRO C 3 1.32 -11.05 3.93
C PRO C 3 1.86 -9.80 3.21
N ALA C 4 2.75 -9.96 2.24
CA ALA C 4 3.10 -8.88 1.30
C ALA C 4 3.21 -9.44 -0.12
N ILE C 5 2.73 -8.66 -1.09
CA ILE C 5 2.75 -9.02 -2.53
C ILE C 5 4.03 -8.49 -3.17
N GLY C 6 4.74 -9.39 -3.85
CA GLY C 6 5.84 -9.02 -4.73
C GLY C 6 5.32 -8.67 -6.11
N GLN C 7 5.91 -7.65 -6.74
CA GLN C 7 5.55 -7.24 -8.10
C GLN C 7 6.78 -6.93 -8.95
N PHE C 8 6.71 -7.37 -10.19
CA PHE C 8 7.67 -6.96 -11.20
C PHE C 8 6.99 -6.75 -12.55
N TRP C 9 7.53 -5.80 -13.33
CA TRP C 9 7.03 -5.45 -14.68
C TRP C 9 7.65 -6.37 -15.74
N HIS C 10 7.02 -6.37 -16.92
CA HIS C 10 7.51 -7.15 -18.06
C HIS C 10 7.17 -6.33 -19.29
N VAL C 11 8.24 -5.77 -19.87
CA VAL C 11 8.17 -5.03 -21.12
C VAL C 11 8.88 -5.89 -22.17
N THR C 12 8.39 -5.87 -23.39
CA THR C 12 8.96 -6.68 -24.44
C THR C 12 8.68 -5.99 -25.75
N ASP C 13 9.49 -6.37 -26.76
CA ASP C 13 9.34 -5.97 -28.16
C ASP C 13 9.04 -4.47 -28.29
N LEU C 14 10.01 -3.68 -27.81
CA LEU C 14 9.88 -2.21 -27.74
C LEU C 14 9.87 -1.68 -29.21
N HIS C 15 10.75 -2.24 -30.05
CA HIS C 15 10.79 -1.98 -31.50
C HIS C 15 10.63 -0.51 -31.85
N LEU C 16 11.65 0.27 -31.49
CA LEU C 16 11.68 1.72 -31.74
C LEU C 16 12.02 2.00 -33.19
N ASP C 17 11.22 2.87 -33.82
CA ASP C 17 11.50 3.40 -35.15
C ASP C 17 11.95 4.85 -35.00
N PRO C 18 13.28 5.08 -34.97
CA PRO C 18 13.78 6.45 -34.82
C PRO C 18 13.30 7.39 -35.93
N THR C 19 13.06 6.85 -37.13
CA THR C 19 12.46 7.58 -38.27
C THR C 19 11.14 8.26 -37.99
N TYR C 20 10.29 7.64 -37.16
CA TYR C 20 8.88 8.05 -37.09
C TYR C 20 8.76 9.55 -36.94
N HIS C 21 7.97 10.16 -37.82
CA HIS C 21 7.47 11.50 -37.57
C HIS C 21 6.23 11.75 -38.44
N ILE C 22 5.26 12.47 -37.90
CA ILE C 22 4.08 12.88 -38.66
C ILE C 22 4.46 13.75 -39.87
N THR C 23 3.87 13.44 -41.01
CA THR C 23 4.08 14.20 -42.23
C THR C 23 2.92 13.83 -43.21
N ASP C 24 2.67 14.66 -44.22
CA ASP C 24 1.51 14.46 -45.14
C ASP C 24 1.66 13.34 -46.16
N ASP C 25 2.90 13.00 -46.53
CA ASP C 25 3.21 11.83 -47.34
C ASP C 25 3.34 10.65 -46.36
N HIS C 26 2.26 9.88 -46.26
CA HIS C 26 2.17 8.76 -45.31
C HIS C 26 3.15 7.62 -45.65
N THR C 27 3.66 7.57 -46.88
CA THR C 27 4.71 6.61 -47.24
C THR C 27 6.05 6.94 -46.55
N LYS C 28 6.23 8.19 -46.12
CA LYS C 28 7.49 8.65 -45.46
C LYS C 28 7.42 8.82 -43.92
N VAL C 29 6.22 8.69 -43.35
CA VAL C 29 6.04 8.77 -41.89
C VAL C 29 7.05 7.88 -41.14
N CYS C 30 7.23 6.65 -41.60
CA CYS C 30 8.13 5.73 -40.92
C CYS C 30 8.76 4.72 -41.87
N ALA C 31 10.05 4.47 -41.64
CA ALA C 31 10.83 3.55 -42.45
C ALA C 31 10.36 2.09 -42.33
N SER C 32 9.88 1.69 -41.15
CA SER C 32 9.39 0.31 -40.94
C SER C 32 8.16 -0.02 -41.81
N SER C 33 7.31 0.97 -42.12
CA SER C 33 6.18 0.73 -43.03
C SER C 33 6.69 0.23 -44.39
N LYS C 34 7.95 0.56 -44.71
CA LYS C 34 8.62 0.06 -45.91
C LYS C 34 8.07 0.72 -47.21
N GLY C 35 7.57 1.94 -47.09
CA GLY C 35 7.11 2.68 -48.25
C GLY C 35 5.62 2.57 -48.46
N ALA C 36 4.98 1.66 -47.72
CA ALA C 36 3.52 1.61 -47.68
C ALA C 36 2.91 2.84 -46.95
N ASN C 37 1.69 3.18 -47.27
CA ASN C 37 1.06 4.27 -46.60
C ASN C 37 0.69 3.84 -45.19
N ALA C 38 1.05 4.65 -44.23
CA ALA C 38 0.74 4.39 -42.86
C ALA C 38 -0.75 4.52 -42.83
N SER C 39 -1.43 3.57 -42.23
CA SER C 39 -2.90 3.61 -42.23
C SER C 39 -3.49 4.96 -41.80
N ASN C 40 -3.25 5.32 -40.53
CA ASN C 40 -3.80 6.53 -39.92
C ASN C 40 -2.95 6.99 -38.74
N PRO C 41 -1.83 7.60 -39.05
CA PRO C 41 -0.78 7.75 -38.07
C PRO C 41 -1.07 8.86 -37.09
N GLY C 42 -0.57 8.69 -35.88
CA GLY C 42 -0.69 9.71 -34.85
C GLY C 42 0.58 9.81 -34.02
N PRO C 43 0.58 10.72 -33.02
CA PRO C 43 1.78 10.94 -32.21
C PRO C 43 2.31 9.68 -31.53
N PHE C 44 1.43 8.74 -31.15
CA PHE C 44 1.82 7.49 -30.46
C PHE C 44 1.90 6.25 -31.33
N GLY C 45 1.79 6.44 -32.66
CA GLY C 45 2.06 5.38 -33.64
C GLY C 45 1.03 5.13 -34.74
N ASP C 46 1.38 4.23 -35.62
CA ASP C 46 0.41 3.71 -36.55
C ASP C 46 0.61 2.19 -36.51
N VAL C 47 -0.45 1.42 -36.79
CA VAL C 47 -0.26 0.01 -37.19
C VAL C 47 0.55 0.14 -38.49
N LEU C 48 1.29 -0.87 -38.88
CA LEU C 48 2.14 -0.69 -40.06
C LEU C 48 3.42 0.08 -39.77
N CYS C 49 3.48 0.75 -38.63
CA CYS C 49 4.65 1.52 -38.19
C CYS C 49 5.07 1.07 -36.82
N ASP C 50 6.32 0.69 -36.70
CA ASP C 50 6.87 0.40 -35.41
C ASP C 50 6.83 1.62 -34.52
N SER C 51 7.20 1.44 -33.25
CA SER C 51 6.95 2.44 -32.22
C SER C 51 7.66 3.78 -32.42
N PRO C 52 6.92 4.91 -32.42
CA PRO C 52 7.59 6.20 -32.24
C PRO C 52 8.12 6.30 -30.81
N TYR C 53 9.20 7.05 -30.62
CA TYR C 53 9.78 7.20 -29.29
C TYR C 53 8.73 7.56 -28.24
N GLN C 54 7.81 8.43 -28.63
CA GLN C 54 6.85 8.98 -27.72
C GLN C 54 5.87 7.94 -27.15
N LEU C 55 5.66 6.82 -27.84
CA LEU C 55 4.86 5.70 -27.30
C LEU C 55 5.70 4.90 -26.31
N ILE C 56 6.95 4.62 -26.66
CA ILE C 56 7.88 3.93 -25.76
C ILE C 56 7.97 4.70 -24.45
N LEU C 57 8.04 6.02 -24.61
CA LEU C 57 8.21 6.91 -23.49
C LEU C 57 6.99 6.95 -22.56
N SER C 58 5.80 7.03 -23.14
CA SER C 58 4.52 7.09 -22.40
C SER C 58 4.14 5.78 -21.71
N ALA C 59 4.59 4.66 -22.28
CA ALA C 59 4.55 3.37 -21.60
C ALA C 59 5.35 3.40 -20.29
N PHE C 60 6.61 3.86 -20.35
CA PHE C 60 7.47 3.95 -19.18
C PHE C 60 7.02 5.06 -18.19
N ASP C 61 6.28 6.07 -18.68
CA ASP C 61 5.79 7.17 -17.84
C ASP C 61 4.57 6.73 -17.02
N PHE C 62 3.72 5.91 -17.65
CA PHE C 62 2.65 5.22 -16.93
C PHE C 62 3.22 4.36 -15.78
N ILE C 63 4.23 3.51 -16.04
CA ILE C 63 4.83 2.69 -14.96
C ILE C 63 5.36 3.53 -13.79
N LYS C 64 5.94 4.68 -14.10
CA LYS C 64 6.54 5.56 -13.08
C LYS C 64 5.41 6.20 -12.26
N ASN C 65 4.45 6.78 -12.96
CA ASN C 65 3.29 7.38 -12.32
C ASN C 65 2.17 6.36 -12.03
N SER C 66 2.49 5.06 -12.10
CA SER C 66 1.43 4.07 -12.05
C SER C 66 0.69 4.17 -10.74
N GLY C 67 1.45 4.18 -9.65
CA GLY C 67 0.90 3.99 -8.32
C GLY C 67 1.15 2.58 -7.82
N GLN C 68 1.91 1.79 -8.57
CA GLN C 68 2.33 0.47 -8.13
C GLN C 68 3.76 0.62 -7.70
N GLU C 69 4.35 -0.42 -7.14
CA GLU C 69 5.79 -0.44 -6.88
C GLU C 69 6.29 -1.87 -7.06
N ALA C 70 7.45 -2.00 -7.68
CA ALA C 70 7.92 -3.28 -8.16
C ALA C 70 9.29 -3.51 -7.61
N SER C 71 9.60 -4.77 -7.32
CA SER C 71 10.95 -5.15 -6.90
C SER C 71 11.95 -5.26 -8.07
N PHE C 72 11.44 -5.52 -9.27
CA PHE C 72 12.25 -5.51 -10.51
C PHE C 72 11.40 -5.40 -11.79
N MET C 73 12.05 -5.58 -12.92
CA MET C 73 11.44 -5.51 -14.24
C MET C 73 12.14 -6.57 -15.05
N ILE C 74 11.46 -7.06 -16.06
CA ILE C 74 11.99 -8.08 -16.96
CA ILE C 74 12.10 -8.00 -16.96
C ILE C 74 11.86 -7.53 -18.38
N TRP C 75 12.96 -7.35 -19.10
CA TRP C 75 12.84 -6.78 -20.43
C TRP C 75 13.42 -7.75 -21.45
N THR C 76 12.55 -8.31 -22.29
CA THR C 76 12.88 -9.45 -23.15
C THR C 76 13.23 -9.04 -24.61
N GLY C 77 13.44 -7.74 -24.84
CA GLY C 77 14.21 -7.29 -25.98
C GLY C 77 13.46 -6.79 -27.20
N ASP C 78 14.03 -7.14 -28.38
CA ASP C 78 13.61 -6.67 -29.72
C ASP C 78 13.33 -5.17 -29.76
N SER C 79 14.44 -4.43 -29.74
CA SER C 79 14.43 -2.96 -29.67
C SER C 79 14.64 -2.28 -31.03
N PRO C 80 15.49 -2.87 -31.91
CA PRO C 80 15.56 -2.36 -33.28
C PRO C 80 14.27 -2.58 -34.13
N PRO C 81 13.87 -1.59 -34.95
CA PRO C 81 12.65 -1.73 -35.77
C PRO C 81 12.77 -2.69 -36.97
N HIS C 82 11.65 -2.85 -37.69
CA HIS C 82 11.53 -3.78 -38.78
C HIS C 82 11.76 -3.11 -40.11
N VAL C 83 13.03 -3.13 -40.51
CA VAL C 83 13.47 -2.58 -41.77
C VAL C 83 14.44 -3.61 -42.36
N PRO C 84 14.72 -3.50 -43.66
CA PRO C 84 15.56 -4.52 -44.26
C PRO C 84 17.01 -4.36 -43.84
N VAL C 85 17.73 -5.49 -43.88
CA VAL C 85 19.11 -5.58 -43.37
C VAL C 85 20.05 -4.47 -43.86
N PRO C 86 20.13 -4.27 -45.19
CA PRO C 86 21.01 -3.23 -45.71
C PRO C 86 20.70 -1.84 -45.19
N GLU C 87 19.46 -1.57 -44.81
CA GLU C 87 19.13 -0.24 -44.27
C GLU C 87 19.63 -0.04 -42.82
N LEU C 88 19.91 -1.12 -42.11
CA LEU C 88 20.40 -1.05 -40.72
C LEU C 88 21.89 -1.36 -40.61
N SER C 89 22.43 -1.24 -39.40
CA SER C 89 23.78 -1.69 -39.14
C SER C 89 23.96 -2.06 -37.67
N THR C 90 25.03 -2.82 -37.41
CA THR C 90 25.51 -3.09 -36.04
C THR C 90 25.62 -1.82 -35.18
N ASP C 91 25.92 -0.66 -35.78
CA ASP C 91 26.02 0.59 -34.99
C ASP C 91 24.65 1.19 -34.62
N THR C 92 23.66 1.02 -35.51
CA THR C 92 22.31 1.51 -35.26
C THR C 92 21.61 0.58 -34.27
N VAL C 93 21.84 -0.73 -34.39
CA VAL C 93 21.34 -1.66 -33.39
C VAL C 93 21.78 -1.15 -32.00
N ILE C 94 23.10 -0.93 -31.82
CA ILE C 94 23.64 -0.55 -30.52
C ILE C 94 23.13 0.82 -30.06
N ASN C 95 22.91 1.75 -30.99
CA ASN C 95 22.37 3.08 -30.65
C ASN C 95 20.96 3.00 -30.11
N VAL C 96 20.14 2.21 -30.77
CA VAL C 96 18.76 1.90 -30.32
C VAL C 96 18.68 1.13 -28.99
N ILE C 97 19.49 0.09 -28.81
CA ILE C 97 19.55 -0.59 -27.52
C ILE C 97 20.07 0.39 -26.45
N THR C 98 21.11 1.16 -26.78
CA THR C 98 21.68 2.12 -25.84
C THR C 98 20.65 3.17 -25.35
N ASN C 99 19.81 3.66 -26.27
CA ASN C 99 18.74 4.63 -25.96
C ASN C 99 17.72 4.04 -24.96
N MET C 100 17.16 2.90 -25.30
CA MET C 100 16.23 2.19 -24.41
C MET C 100 16.90 2.01 -23.04
N THR C 101 18.03 1.30 -23.01
CA THR C 101 18.76 1.09 -21.76
C THR C 101 18.91 2.39 -21.00
N THR C 102 19.35 3.46 -21.66
CA THR C 102 19.50 4.74 -20.96
C THR C 102 18.17 5.32 -20.47
N THR C 103 17.15 5.29 -21.33
CA THR C 103 15.82 5.84 -21.03
C THR C 103 15.19 5.21 -19.78
N ILE C 104 15.34 3.89 -19.65
CA ILE C 104 14.92 3.11 -18.47
C ILE C 104 15.74 3.48 -17.23
N GLN C 105 17.05 3.57 -17.42
CA GLN C 105 17.97 3.85 -16.31
C GLN C 105 17.75 5.25 -15.77
N SER C 106 17.32 6.17 -16.64
CA SER C 106 17.00 7.54 -16.24
C SER C 106 15.75 7.62 -15.38
N LEU C 107 14.64 7.09 -15.90
CA LEU C 107 13.35 7.11 -15.21
C LEU C 107 13.30 6.17 -14.02
N PHE C 108 14.02 5.05 -14.11
CA PHE C 108 14.04 4.02 -13.06
C PHE C 108 15.46 3.80 -12.53
N PRO C 109 16.02 4.83 -11.86
CA PRO C 109 17.41 4.76 -11.37
C PRO C 109 17.62 3.65 -10.36
N ASN C 110 16.65 3.46 -9.47
CA ASN C 110 16.74 2.50 -8.37
C ASN C 110 16.18 1.12 -8.72
N LEU C 111 15.77 0.93 -9.98
CA LEU C 111 15.15 -0.33 -10.39
C LEU C 111 16.15 -1.27 -11.08
N GLN C 112 16.16 -2.52 -10.64
CA GLN C 112 16.90 -3.57 -11.31
C GLN C 112 16.04 -4.04 -12.45
N VAL C 113 16.71 -4.41 -13.54
CA VAL C 113 16.07 -4.89 -14.75
C VAL C 113 16.91 -6.08 -15.23
N PHE C 114 16.29 -7.08 -15.84
CA PHE C 114 17.03 -8.23 -16.35
C PHE C 114 16.71 -8.44 -17.82
N PRO C 115 17.57 -7.91 -18.69
CA PRO C 115 17.33 -8.08 -20.11
C PRO C 115 17.71 -9.45 -20.68
N ALA C 116 17.09 -9.81 -21.79
CA ALA C 116 17.52 -10.91 -22.62
C ALA C 116 17.55 -10.38 -24.02
N LEU C 117 18.32 -11.05 -24.87
CA LEU C 117 18.44 -10.62 -26.27
C LEU C 117 17.30 -11.14 -27.17
N GLY C 118 16.72 -10.25 -27.98
CA GLY C 118 15.77 -10.63 -29.05
C GLY C 118 16.50 -10.71 -30.38
N ASN C 119 15.84 -11.21 -31.43
CA ASN C 119 16.55 -11.45 -32.72
C ASN C 119 16.83 -10.17 -33.53
N HIS C 120 16.02 -9.12 -33.34
CA HIS C 120 16.32 -7.81 -33.90
C HIS C 120 17.36 -7.03 -33.14
N ASP C 121 17.73 -7.50 -31.95
CA ASP C 121 18.82 -6.92 -31.21
C ASP C 121 20.17 -7.43 -31.76
N TYR C 122 20.27 -7.69 -33.07
CA TYR C 122 21.55 -8.00 -33.70
C TYR C 122 21.54 -7.51 -35.16
N TRP C 123 22.73 -7.36 -35.74
CA TRP C 123 22.89 -7.08 -37.18
C TRP C 123 23.86 -8.07 -37.87
N PRO C 124 23.40 -8.81 -38.88
CA PRO C 124 22.02 -8.73 -39.43
C PRO C 124 20.99 -9.40 -38.50
N GLN C 125 19.69 -9.12 -38.63
CA GLN C 125 18.75 -9.72 -37.67
C GLN C 125 18.85 -11.25 -37.64
N ASP C 126 18.53 -11.82 -36.47
CA ASP C 126 18.51 -13.26 -36.20
C ASP C 126 19.84 -14.02 -36.28
N GLN C 127 20.94 -13.33 -36.55
CA GLN C 127 22.24 -13.99 -36.73
C GLN C 127 23.05 -13.82 -35.43
N LEU C 128 22.45 -14.19 -34.30
CA LEU C 128 23.13 -14.11 -33.01
C LEU C 128 24.11 -15.29 -32.91
N PRO C 129 25.41 -15.00 -32.62
CA PRO C 129 26.45 -16.05 -32.70
C PRO C 129 26.70 -16.90 -31.44
N VAL C 130 27.53 -17.93 -31.63
CA VAL C 130 28.06 -18.84 -30.60
C VAL C 130 29.12 -18.18 -29.71
N VAL C 131 29.89 -17.29 -30.31
CA VAL C 131 31.09 -16.78 -29.69
C VAL C 131 30.89 -15.32 -29.46
N THR C 132 31.85 -14.70 -28.77
CA THR C 132 31.77 -13.28 -28.44
C THR C 132 31.67 -12.42 -29.73
N SER C 133 31.14 -11.21 -29.54
CA SER C 133 30.66 -10.36 -30.64
C SER C 133 30.54 -8.91 -30.17
N LYS C 134 30.51 -7.97 -31.11
CA LYS C 134 30.53 -6.54 -30.79
C LYS C 134 29.23 -6.08 -30.08
N VAL C 135 28.13 -6.78 -30.34
CA VAL C 135 26.82 -6.52 -29.69
C VAL C 135 26.77 -7.13 -28.25
N TYR C 136 27.15 -8.39 -28.14
CA TYR C 136 27.26 -9.06 -26.85
C TYR C 136 28.12 -8.26 -25.83
N ASN C 137 29.14 -7.59 -26.35
CA ASN C 137 30.02 -6.77 -25.52
C ASN C 137 29.42 -5.41 -25.28
N ALA C 138 28.75 -4.88 -26.31
CA ALA C 138 28.08 -3.57 -26.24
C ALA C 138 26.97 -3.53 -25.19
N VAL C 139 26.20 -4.62 -25.10
CA VAL C 139 25.16 -4.74 -24.06
C VAL C 139 25.74 -5.04 -22.68
N ALA C 140 26.75 -5.92 -22.61
CA ALA C 140 27.38 -6.21 -21.33
C ALA C 140 27.80 -4.92 -20.60
N ASN C 141 28.22 -3.90 -21.37
CA ASN C 141 28.56 -2.57 -20.80
C ASN C 141 27.31 -1.78 -20.37
N LEU C 142 26.30 -1.79 -21.22
CA LEU C 142 25.04 -1.09 -20.97
C LEU C 142 24.30 -1.65 -19.77
N TRP C 143 24.39 -2.97 -19.57
CA TRP C 143 23.64 -3.67 -18.50
C TRP C 143 24.51 -4.07 -17.31
N LYS C 144 25.71 -3.49 -17.22
CA LYS C 144 26.52 -3.65 -16.03
C LYS C 144 25.78 -3.17 -14.80
N PRO C 145 25.18 -1.96 -14.84
CA PRO C 145 24.52 -1.38 -13.65
C PRO C 145 23.49 -2.31 -12.97
N TRP C 146 23.03 -3.30 -13.71
CA TRP C 146 22.03 -4.26 -13.23
C TRP C 146 22.57 -5.68 -13.01
N LEU C 147 23.80 -5.99 -13.42
CA LEU C 147 24.24 -7.38 -13.37
C LEU C 147 25.62 -7.62 -12.72
N ASP C 148 25.78 -8.83 -12.16
CA ASP C 148 27.04 -9.35 -11.60
C ASP C 148 28.22 -9.21 -12.56
N GLU C 149 29.43 -9.45 -12.06
CA GLU C 149 30.60 -9.72 -12.91
C GLU C 149 30.41 -11.09 -13.54
N GLU C 150 29.80 -11.99 -12.77
CA GLU C 150 29.54 -13.37 -13.15
C GLU C 150 28.53 -13.44 -14.30
N ALA C 151 27.44 -12.70 -14.15
CA ALA C 151 26.39 -12.66 -15.15
C ALA C 151 26.94 -12.11 -16.45
N ILE C 152 27.54 -10.92 -16.33
CA ILE C 152 28.20 -10.22 -17.45
C ILE C 152 29.22 -11.11 -18.21
N SER C 153 29.93 -11.98 -17.52
CA SER C 153 30.89 -12.89 -18.15
C SER C 153 30.25 -13.65 -19.30
N THR C 154 29.12 -14.32 -19.00
CA THR C 154 28.39 -15.12 -19.98
C THR C 154 27.57 -14.27 -20.96
N LEU C 155 27.17 -13.08 -20.54
CA LEU C 155 26.46 -12.17 -21.44
C LEU C 155 27.29 -11.89 -22.70
N ARG C 156 28.57 -11.57 -22.51
CA ARG C 156 29.53 -11.36 -23.63
C ARG C 156 29.83 -12.63 -24.41
N LYS C 157 29.90 -13.77 -23.72
CA LYS C 157 30.20 -15.08 -24.33
C LYS C 157 29.11 -15.52 -25.33
N GLY C 158 27.83 -15.56 -24.88
CA GLY C 158 26.71 -16.11 -25.69
C GLY C 158 25.38 -15.35 -25.79
N GLY C 159 25.26 -14.24 -25.10
CA GLY C 159 23.99 -13.49 -25.06
C GLY C 159 23.15 -13.76 -23.82
N PHE C 160 23.64 -14.63 -22.94
CA PHE C 160 22.87 -15.08 -21.78
C PHE C 160 23.61 -14.96 -20.44
N TYR C 161 22.86 -15.18 -19.36
CA TYR C 161 23.35 -14.98 -18.01
C TYR C 161 22.31 -15.45 -17.02
N SER C 162 22.67 -15.58 -15.76
CA SER C 162 21.66 -15.83 -14.75
C SER C 162 22.00 -14.93 -13.60
N GLN C 163 21.05 -14.69 -12.70
CA GLN C 163 21.25 -13.64 -11.71
C GLN C 163 20.22 -13.65 -10.56
N LYS C 164 20.74 -13.73 -9.34
CA LYS C 164 19.92 -13.52 -8.15
C LYS C 164 19.32 -12.13 -8.22
N VAL C 165 18.08 -11.99 -7.79
CA VAL C 165 17.46 -10.66 -7.73
C VAL C 165 17.95 -9.95 -6.47
N THR C 166 18.26 -8.66 -6.60
CA THR C 166 18.80 -7.85 -5.48
C THR C 166 17.85 -7.85 -4.29
N THR C 167 16.59 -7.57 -4.56
CA THR C 167 15.59 -7.49 -3.49
C THR C 167 15.01 -8.84 -3.07
N ASN C 168 15.52 -9.94 -3.62
CA ASN C 168 14.99 -11.28 -3.33
C ASN C 168 16.03 -12.34 -3.69
N PRO C 169 17.19 -12.32 -3.01
CA PRO C 169 18.39 -13.03 -3.55
C PRO C 169 18.38 -14.58 -3.56
N ASN C 170 17.24 -15.19 -3.23
CA ASN C 170 17.05 -16.61 -3.53
C ASN C 170 16.07 -16.81 -4.70
N LEU C 171 15.73 -15.70 -5.37
CA LEU C 171 15.06 -15.73 -6.65
C LEU C 171 16.14 -15.49 -7.71
N ARG C 172 16.43 -16.50 -8.52
CA ARG C 172 17.37 -16.26 -9.63
C ARG C 172 16.64 -16.10 -10.97
N ILE C 173 16.90 -14.98 -11.63
CA ILE C 173 16.49 -14.78 -13.01
C ILE C 173 17.49 -15.47 -13.97
N ILE C 174 17.01 -16.41 -14.79
CA ILE C 174 17.82 -17.06 -15.86
C ILE C 174 17.44 -16.45 -17.22
N SER C 175 18.24 -15.51 -17.73
CA SER C 175 18.02 -14.93 -19.05
C SER C 175 18.64 -15.82 -20.16
N LEU C 176 17.79 -16.34 -21.04
CA LEU C 176 18.20 -17.20 -22.15
C LEU C 176 18.28 -16.42 -23.48
N ASN C 177 19.27 -16.82 -24.29
CA ASN C 177 19.36 -16.37 -25.64
C ASN C 177 18.82 -17.49 -26.48
N THR C 178 17.51 -17.44 -26.69
CA THR C 178 16.81 -18.49 -27.42
C THR C 178 16.83 -18.17 -28.92
N ASN C 179 17.32 -16.97 -29.29
CA ASN C 179 17.51 -16.58 -30.70
C ASN C 179 18.57 -17.42 -31.34
N LEU C 180 19.37 -18.07 -30.47
CA LEU C 180 20.26 -19.17 -30.86
C LEU C 180 19.45 -20.32 -31.47
N TYR C 181 18.15 -20.35 -31.17
CA TYR C 181 17.33 -21.47 -31.50
C TYR C 181 16.30 -21.15 -32.56
N TYR C 182 16.26 -19.90 -32.98
CA TYR C 182 15.26 -19.44 -33.91
C TYR C 182 15.58 -19.89 -35.31
N GLY C 183 14.55 -20.27 -36.06
CA GLY C 183 14.70 -20.82 -37.42
C GLY C 183 15.70 -20.09 -38.30
N PRO C 184 15.44 -18.78 -38.60
CA PRO C 184 16.30 -17.96 -39.50
C PRO C 184 17.74 -17.70 -39.09
N ASN C 185 18.22 -18.25 -37.97
CA ASN C 185 19.61 -18.01 -37.52
C ASN C 185 20.61 -18.95 -38.18
N ILE C 186 21.25 -18.45 -39.24
CA ILE C 186 22.16 -19.26 -40.05
C ILE C 186 23.39 -19.73 -39.25
N MET C 187 23.78 -18.97 -38.22
CA MET C 187 25.00 -19.21 -37.40
C MET C 187 25.00 -20.52 -36.60
N THR C 188 23.80 -20.97 -36.23
CA THR C 188 23.62 -22.13 -35.36
C THR C 188 23.19 -23.44 -36.05
N LEU C 189 23.11 -23.46 -37.37
CA LEU C 189 22.60 -24.65 -38.08
C LEU C 189 23.46 -25.86 -37.80
N ASN C 190 22.80 -27.01 -37.65
CA ASN C 190 23.46 -28.30 -37.35
C ASN C 190 24.31 -28.38 -36.06
N LYS C 191 24.12 -27.45 -35.11
CA LYS C 191 24.85 -27.46 -33.82
C LYS C 191 24.07 -28.14 -32.70
N THR C 192 24.59 -29.26 -32.23
CA THR C 192 24.07 -29.97 -31.05
C THR C 192 23.64 -29.08 -29.89
N ASP C 193 24.46 -28.08 -29.57
CA ASP C 193 24.22 -27.17 -28.44
C ASP C 193 24.93 -25.82 -28.66
N PRO C 194 24.20 -24.81 -29.22
CA PRO C 194 24.82 -23.51 -29.45
C PRO C 194 25.10 -22.73 -28.16
N ALA C 195 26.30 -22.16 -28.14
CA ALA C 195 26.86 -21.40 -27.02
C ALA C 195 26.98 -22.24 -25.75
N ASN C 196 26.91 -23.57 -25.91
CA ASN C 196 26.90 -24.49 -24.80
C ASN C 196 25.81 -24.12 -23.78
N GLN C 197 24.66 -23.66 -24.27
CA GLN C 197 23.62 -23.07 -23.40
C GLN C 197 22.76 -24.12 -22.65
N PHE C 198 22.42 -25.25 -23.29
CA PHE C 198 21.77 -26.36 -22.59
C PHE C 198 22.68 -26.91 -21.52
N GLU C 199 23.99 -27.03 -21.79
CA GLU C 199 24.91 -27.51 -20.79
C GLU C 199 24.92 -26.55 -19.58
N TRP C 200 25.00 -25.25 -19.85
CA TRP C 200 24.93 -24.18 -18.81
C TRP C 200 23.58 -24.10 -18.06
N LEU C 201 22.47 -24.35 -18.74
CA LEU C 201 21.14 -24.38 -18.10
C LEU C 201 21.05 -25.57 -17.13
N GLU C 202 21.28 -26.78 -17.64
CA GLU C 202 21.36 -28.01 -16.80
C GLU C 202 22.26 -27.80 -15.58
N SER C 203 23.41 -27.16 -15.81
CA SER C 203 24.31 -26.70 -14.73
C SER C 203 23.64 -25.69 -13.78
N THR C 204 23.12 -24.57 -14.30
CA THR C 204 22.60 -23.47 -13.46
C THR C 204 21.36 -23.91 -12.65
N LEU C 205 20.49 -24.73 -13.26
CA LEU C 205 19.25 -25.21 -12.60
C LEU C 205 19.60 -26.21 -11.50
N ASN C 206 20.42 -27.20 -11.86
CA ASN C 206 20.94 -28.19 -10.90
C ASN C 206 21.58 -27.53 -9.68
N ASN C 207 22.33 -26.45 -9.93
CA ASN C 207 22.80 -25.58 -8.88
C ASN C 207 21.63 -25.06 -8.03
N SER C 208 20.66 -24.36 -8.63
CA SER C 208 19.56 -23.76 -7.85
C SER C 208 18.69 -24.79 -7.10
N GLN C 209 18.65 -26.02 -7.62
CA GLN C 209 17.86 -27.11 -7.01
C GLN C 209 18.29 -27.43 -5.60
N GLN C 210 19.59 -27.31 -5.34
CA GLN C 210 20.17 -27.66 -4.05
C GLN C 210 20.34 -26.49 -3.09
N ASN C 211 20.24 -25.26 -3.57
CA ASN C 211 20.42 -24.09 -2.71
C ASN C 211 19.09 -23.41 -2.35
N LYS C 212 18.01 -24.19 -2.27
CA LYS C 212 16.67 -23.64 -2.03
C LYS C 212 16.48 -22.32 -2.83
N GLU C 213 16.64 -22.39 -4.15
CA GLU C 213 16.48 -21.19 -4.99
C GLU C 213 15.34 -21.34 -6.00
N LYS C 214 14.53 -20.28 -6.15
CA LYS C 214 13.46 -20.24 -7.15
C LYS C 214 13.88 -19.46 -8.40
N VAL C 215 13.65 -20.09 -9.54
CA VAL C 215 14.10 -19.61 -10.82
C VAL C 215 12.89 -19.08 -11.60
N TYR C 216 13.09 -17.91 -12.22
CA TYR C 216 12.22 -17.40 -13.31
C TYR C 216 12.96 -17.36 -14.66
N ILE C 217 12.49 -18.12 -15.64
CA ILE C 217 13.03 -18.08 -17.00
C ILE C 217 12.55 -16.80 -17.74
N ILE C 218 13.51 -16.01 -18.23
CA ILE C 218 13.30 -14.85 -19.12
C ILE C 218 13.96 -15.21 -20.46
N ALA C 219 13.26 -15.07 -21.58
CA ALA C 219 13.85 -15.33 -22.91
C ALA C 219 12.95 -14.70 -23.91
N HIS C 220 13.44 -14.40 -25.11
CA HIS C 220 12.63 -13.78 -26.17
C HIS C 220 11.82 -14.75 -27.03
N VAL C 221 12.47 -15.63 -27.79
CA VAL C 221 11.72 -16.57 -28.60
C VAL C 221 11.19 -17.53 -27.60
N PRO C 222 9.87 -17.93 -27.74
CA PRO C 222 9.44 -18.90 -26.78
C PRO C 222 9.61 -20.31 -27.24
N VAL C 223 9.37 -21.21 -26.32
CA VAL C 223 9.20 -22.62 -26.56
C VAL C 223 7.71 -22.83 -26.93
N GLY C 224 7.43 -24.04 -27.41
CA GLY C 224 6.06 -24.40 -27.80
C GLY C 224 5.68 -23.96 -29.20
N TYR C 225 4.45 -24.30 -29.57
CA TYR C 225 3.94 -24.09 -30.92
C TYR C 225 3.32 -22.69 -31.07
N LEU C 226 3.48 -22.06 -32.24
CA LEU C 226 2.91 -20.74 -32.48
C LEU C 226 1.43 -20.94 -32.63
N PRO C 227 0.65 -20.15 -31.89
CA PRO C 227 -0.76 -20.52 -31.74
C PRO C 227 -1.62 -20.25 -32.98
N SER C 228 -1.25 -19.25 -33.79
N SER C 228 -1.18 -19.30 -33.80
CA SER C 228 -2.05 -18.92 -34.96
CA SER C 228 -1.92 -18.85 -34.96
C SER C 228 -1.59 -19.66 -36.23
C SER C 228 -1.58 -19.65 -36.22
N SER C 229 -0.94 -20.81 -36.06
CA SER C 229 -0.59 -21.66 -37.18
C SER C 229 -0.22 -23.07 -36.74
N GLN C 230 -0.22 -23.98 -37.73
CA GLN C 230 -0.30 -25.40 -37.47
C GLN C 230 1.06 -26.11 -37.58
N ASN C 231 1.40 -26.84 -36.52
CA ASN C 231 2.62 -27.63 -36.40
C ASN C 231 3.89 -26.79 -36.60
N ILE C 232 3.87 -25.53 -36.11
CA ILE C 232 5.07 -24.68 -36.21
C ILE C 232 5.58 -24.19 -34.87
N THR C 233 6.53 -24.93 -34.32
CA THR C 233 7.40 -24.51 -33.23
C THR C 233 7.97 -23.17 -33.58
N ALA C 234 8.10 -22.30 -32.58
CA ALA C 234 8.62 -20.96 -32.78
C ALA C 234 10.14 -20.99 -32.95
N MET C 235 10.76 -21.89 -32.18
CA MET C 235 12.16 -22.34 -32.34
C MET C 235 12.26 -23.43 -33.43
N ARG C 236 13.50 -23.81 -33.77
CA ARG C 236 13.70 -25.05 -34.48
C ARG C 236 13.10 -26.14 -33.54
N GLU C 237 12.24 -26.98 -34.12
CA GLU C 237 11.74 -28.23 -33.55
C GLU C 237 12.74 -28.97 -32.70
N TYR C 238 13.92 -29.18 -33.29
CA TYR C 238 14.98 -29.94 -32.63
C TYR C 238 15.28 -29.31 -31.25
N TYR C 239 15.53 -28.01 -31.23
CA TYR C 239 15.83 -27.31 -29.98
C TYR C 239 14.67 -27.27 -29.00
N ASN C 240 13.47 -27.07 -29.52
CA ASN C 240 12.31 -27.00 -28.66
C ASN C 240 12.11 -28.28 -27.86
N GLU C 241 12.26 -29.45 -28.46
CA GLU C 241 12.14 -30.72 -27.73
C GLU C 241 13.19 -30.84 -26.60
N LYS C 242 14.42 -30.46 -26.94
CA LYS C 242 15.57 -30.39 -26.02
C LYS C 242 15.24 -29.47 -24.80
N LEU C 243 14.70 -28.28 -25.10
CA LEU C 243 14.40 -27.26 -24.07
C LEU C 243 13.28 -27.67 -23.16
N ILE C 244 12.29 -28.37 -23.72
CA ILE C 244 11.14 -28.88 -22.96
C ILE C 244 11.63 -30.03 -22.05
N ASP C 245 12.50 -30.91 -22.57
CA ASP C 245 13.05 -32.00 -21.76
C ASP C 245 13.83 -31.49 -20.57
N ILE C 246 14.66 -30.46 -20.77
CA ILE C 246 15.29 -29.76 -19.65
C ILE C 246 14.26 -29.18 -18.63
N PHE C 247 13.29 -28.36 -19.08
CA PHE C 247 12.25 -27.76 -18.18
C PHE C 247 11.40 -28.83 -17.48
N GLN C 248 11.11 -29.95 -18.16
CA GLN C 248 10.36 -31.05 -17.56
C GLN C 248 11.16 -31.47 -16.32
N LYS C 249 12.47 -31.70 -16.47
CA LYS C 249 13.33 -32.26 -15.38
C LYS C 249 13.50 -31.35 -14.17
N TYR C 250 13.53 -30.05 -14.40
CA TYR C 250 13.72 -29.08 -13.32
C TYR C 250 12.49 -28.21 -13.05
N SER C 251 11.28 -28.75 -13.20
CA SER C 251 10.05 -27.95 -13.05
C SER C 251 9.77 -27.58 -11.59
N ASP C 252 10.27 -28.43 -10.70
CA ASP C 252 10.31 -28.15 -9.28
C ASP C 252 10.94 -26.77 -8.98
N VAL C 253 12.03 -26.42 -9.67
CA VAL C 253 12.80 -25.15 -9.42
C VAL C 253 12.20 -23.87 -10.06
N ILE C 254 11.66 -24.04 -11.28
CA ILE C 254 11.16 -22.94 -12.13
C ILE C 254 9.83 -22.50 -11.64
N ALA C 255 9.76 -21.25 -11.21
CA ALA C 255 8.53 -20.74 -10.62
C ALA C 255 7.75 -19.90 -11.60
N GLY C 256 8.17 -19.88 -12.87
CA GLY C 256 7.37 -19.28 -13.94
C GLY C 256 8.21 -18.89 -15.14
N GLN C 257 7.57 -18.66 -16.28
CA GLN C 257 8.33 -18.43 -17.51
C GLN C 257 7.77 -17.29 -18.33
N PHE C 258 8.67 -16.49 -18.90
CA PHE C 258 8.35 -15.19 -19.44
C PHE C 258 9.02 -15.03 -20.81
N TYR C 259 8.22 -14.62 -21.80
CA TYR C 259 8.69 -14.51 -23.19
C TYR C 259 7.91 -13.43 -23.94
N GLY C 260 8.43 -13.08 -25.10
CA GLY C 260 7.82 -12.05 -25.93
C GLY C 260 7.74 -12.61 -27.30
N HIS C 261 8.39 -11.93 -28.23
CA HIS C 261 8.52 -12.40 -29.63
C HIS C 261 7.15 -12.50 -30.42
N THR C 262 6.16 -13.31 -29.95
N THR C 262 6.20 -13.31 -29.91
CA THR C 262 4.88 -13.47 -30.71
CA THR C 262 4.90 -13.54 -30.55
C THR C 262 4.11 -12.15 -30.88
C THR C 262 4.08 -12.23 -30.78
N HIS C 263 4.39 -11.17 -30.02
CA HIS C 263 3.67 -9.88 -29.98
C HIS C 263 2.21 -10.13 -29.48
N ARG C 264 2.02 -11.25 -28.80
CA ARG C 264 0.69 -11.65 -28.39
C ARG C 264 0.65 -12.02 -26.92
N ASP C 265 -0.57 -11.91 -26.39
CA ASP C 265 -0.92 -12.31 -25.06
C ASP C 265 -1.36 -13.77 -25.04
N SER C 266 -0.37 -14.65 -24.86
CA SER C 266 -0.59 -16.10 -24.83
C SER C 266 -0.18 -16.74 -23.49
N ILE C 267 -0.88 -17.80 -23.08
CA ILE C 267 -0.43 -18.64 -21.93
C ILE C 267 -0.03 -20.01 -22.45
N MET C 268 0.92 -20.65 -21.77
CA MET C 268 1.23 -22.05 -22.02
C MET C 268 1.39 -22.76 -20.71
N VAL C 269 1.14 -24.06 -20.76
CA VAL C 269 1.19 -24.93 -19.59
C VAL C 269 2.08 -26.10 -19.94
N LEU C 270 3.25 -26.17 -19.33
CA LEU C 270 4.07 -27.35 -19.47
C LEU C 270 3.55 -28.49 -18.57
N SER C 271 3.57 -29.71 -19.12
CA SER C 271 3.20 -30.93 -18.40
C SER C 271 4.36 -31.95 -18.33
N ASP C 272 4.41 -32.77 -17.27
CA ASP C 272 5.46 -33.80 -17.16
C ASP C 272 5.20 -34.85 -18.26
N LYS C 273 6.15 -35.71 -18.54
CA LYS C 273 5.90 -36.61 -19.64
C LYS C 273 4.75 -37.59 -19.30
N LYS C 274 4.34 -37.65 -18.03
CA LYS C 274 3.14 -38.42 -17.64
C LYS C 274 1.82 -37.72 -18.07
N GLY C 275 1.79 -36.39 -18.11
CA GLY C 275 0.62 -35.63 -18.61
C GLY C 275 -0.04 -34.69 -17.62
N SER C 276 0.66 -34.40 -16.53
CA SER C 276 0.09 -33.63 -15.45
C SER C 276 0.66 -32.21 -15.56
N PRO C 277 -0.18 -31.16 -15.36
CA PRO C 277 0.34 -29.78 -15.41
C PRO C 277 1.42 -29.52 -14.37
N VAL C 278 2.56 -28.96 -14.79
CA VAL C 278 3.71 -28.74 -13.88
C VAL C 278 4.36 -27.35 -13.92
N ASN C 279 4.07 -26.52 -14.92
CA ASN C 279 4.70 -25.18 -15.00
C ASN C 279 3.83 -24.22 -15.81
N SER C 280 3.89 -22.93 -15.49
CA SER C 280 3.15 -21.95 -16.31
C SER C 280 4.13 -21.06 -17.05
N LEU C 281 3.71 -20.72 -18.26
CA LEU C 281 4.47 -19.90 -19.20
C LEU C 281 3.60 -18.74 -19.65
N PHE C 282 4.25 -17.61 -19.89
CA PHE C 282 3.60 -16.35 -20.14
C PHE C 282 4.32 -15.58 -21.21
N VAL C 283 3.66 -15.56 -22.35
CA VAL C 283 4.00 -14.70 -23.45
C VAL C 283 3.21 -13.38 -23.35
N ALA C 284 4.01 -12.32 -23.30
CA ALA C 284 3.55 -10.97 -23.22
C ALA C 284 3.41 -10.37 -24.61
N PRO C 285 2.33 -9.62 -24.82
CA PRO C 285 2.28 -8.91 -26.07
C PRO C 285 3.22 -7.72 -26.10
N ALA C 286 3.45 -7.26 -27.31
CA ALA C 286 4.42 -6.22 -27.63
C ALA C 286 3.94 -4.79 -27.31
N VAL C 287 4.91 -3.86 -27.24
CA VAL C 287 4.67 -2.40 -27.12
C VAL C 287 4.53 -1.83 -28.54
N THR C 288 5.33 -2.31 -29.49
CA THR C 288 5.04 -1.93 -30.85
C THR C 288 3.64 -2.46 -31.18
N PRO C 289 2.84 -1.70 -31.93
CA PRO C 289 1.60 -2.20 -32.50
C PRO C 289 1.75 -2.70 -33.95
N VAL C 290 2.98 -2.76 -34.46
CA VAL C 290 3.20 -2.93 -35.89
C VAL C 290 2.67 -4.26 -36.48
N LYS C 291 2.36 -4.27 -37.78
CA LYS C 291 1.89 -5.48 -38.44
C LYS C 291 2.06 -5.34 -39.94
N SER C 292 1.72 -6.40 -40.66
CA SER C 292 1.78 -6.38 -42.12
CA SER C 292 1.79 -6.37 -42.11
C SER C 292 0.61 -5.60 -42.70
N VAL C 293 0.74 -5.26 -43.97
CA VAL C 293 -0.34 -4.63 -44.67
C VAL C 293 -1.47 -5.64 -44.87
N LEU C 294 -1.08 -6.91 -45.12
CA LEU C 294 -2.02 -8.02 -45.45
C LEU C 294 -2.70 -8.63 -44.20
N GLU C 295 -2.26 -8.21 -43.00
CA GLU C 295 -2.81 -8.74 -41.75
C GLU C 295 -3.96 -7.84 -41.20
N LYS C 296 -5.14 -8.40 -40.99
CA LYS C 296 -6.26 -7.65 -40.40
C LYS C 296 -5.94 -7.20 -38.98
N GLN C 297 -5.40 -8.15 -38.23
CA GLN C 297 -5.21 -8.04 -36.81
C GLN C 297 -3.81 -7.58 -36.46
N THR C 298 -3.72 -6.98 -35.28
CA THR C 298 -2.46 -6.67 -34.63
C THR C 298 -2.76 -6.64 -33.11
N ASN C 299 -1.78 -6.26 -32.31
CA ASN C 299 -1.96 -5.97 -30.89
C ASN C 299 -1.93 -4.47 -30.64
N ASN C 300 -2.65 -4.01 -29.62
CA ASN C 300 -2.44 -2.67 -29.00
C ASN C 300 -1.20 -2.65 -28.12
N PRO C 301 -0.61 -1.46 -27.96
CA PRO C 301 0.54 -1.45 -27.06
C PRO C 301 0.15 -1.93 -25.67
N GLY C 302 1.09 -2.58 -25.01
CA GLY C 302 0.80 -3.31 -23.78
C GLY C 302 2.01 -3.55 -22.87
N ILE C 303 1.69 -3.48 -21.58
CA ILE C 303 2.63 -3.45 -20.47
C ILE C 303 2.01 -4.33 -19.40
N ARG C 304 2.79 -5.18 -18.75
CA ARG C 304 2.20 -6.05 -17.72
C ARG C 304 3.05 -6.12 -16.46
N LEU C 305 2.39 -6.60 -15.40
CA LEU C 305 2.86 -6.56 -14.04
C LEU C 305 2.43 -7.87 -13.39
N PHE C 306 3.43 -8.72 -13.12
CA PHE C 306 3.23 -9.97 -12.35
C PHE C 306 3.25 -9.76 -10.84
N GLN C 307 2.53 -10.61 -10.13
CA GLN C 307 2.52 -10.57 -8.67
C GLN C 307 3.05 -11.85 -8.12
N TYR C 308 3.73 -11.78 -6.99
CA TYR C 308 4.17 -12.99 -6.35
C TYR C 308 4.12 -12.99 -4.84
N ASP C 309 4.35 -14.19 -4.33
CA ASP C 309 4.50 -14.49 -2.92
C ASP C 309 5.99 -14.58 -2.60
N PRO C 310 6.50 -13.62 -1.81
CA PRO C 310 7.93 -13.50 -1.61
C PRO C 310 8.63 -14.70 -0.96
N ARG C 311 7.86 -15.72 -0.60
CA ARG C 311 8.38 -16.89 0.10
C ARG C 311 8.82 -17.98 -0.85
N ASP C 312 7.88 -18.49 -1.63
CA ASP C 312 8.17 -19.54 -2.62
C ASP C 312 8.25 -18.98 -4.06
N TYR C 313 7.97 -17.67 -4.21
CA TYR C 313 7.95 -16.96 -5.52
C TYR C 313 6.87 -17.49 -6.48
N LYS C 314 5.83 -18.07 -5.87
CA LYS C 314 4.62 -18.52 -6.55
C LYS C 314 3.89 -17.29 -7.17
N LEU C 315 3.29 -17.50 -8.34
CA LEU C 315 2.66 -16.40 -9.11
C LEU C 315 1.20 -16.25 -8.78
N LEU C 316 0.86 -15.12 -8.18
CA LEU C 316 -0.48 -14.93 -7.61
C LEU C 316 -1.43 -14.35 -8.65
N ASP C 317 -0.91 -13.39 -9.40
CA ASP C 317 -1.70 -12.83 -10.46
C ASP C 317 -0.82 -12.11 -11.47
N MET C 318 -1.46 -11.64 -12.52
CA MET C 318 -0.84 -10.85 -13.55
C MET C 318 -1.89 -9.85 -14.03
N LEU C 319 -1.50 -8.57 -14.00
CA LEU C 319 -2.37 -7.48 -14.42
C LEU C 319 -1.86 -6.90 -15.74
N GLN C 320 -2.69 -6.97 -16.80
CA GLN C 320 -2.35 -6.51 -18.15
C GLN C 320 -2.85 -5.07 -18.45
N TYR C 321 -1.92 -4.11 -18.56
CA TYR C 321 -2.24 -2.70 -18.96
C TYR C 321 -2.11 -2.53 -20.45
N TYR C 322 -2.78 -1.50 -20.98
CA TYR C 322 -2.69 -1.24 -22.43
C TYR C 322 -2.94 0.18 -22.89
N LEU C 323 -2.89 0.38 -24.18
CA LEU C 323 -3.15 1.67 -24.79
C LEU C 323 -4.06 1.56 -26.02
N ASN C 324 -5.26 2.17 -26.04
CA ASN C 324 -6.11 2.13 -27.21
C ASN C 324 -5.45 3.05 -28.16
N LEU C 325 -4.85 2.53 -29.21
CA LEU C 325 -3.99 3.32 -30.07
C LEU C 325 -4.84 4.29 -30.84
N THR C 326 -5.78 3.76 -31.60
CA THR C 326 -6.70 4.59 -32.27
C THR C 326 -7.12 5.72 -31.35
N GLU C 327 -7.54 5.44 -30.12
CA GLU C 327 -8.08 6.51 -29.24
C GLU C 327 -7.01 7.52 -28.82
N ALA C 328 -5.87 6.99 -28.37
CA ALA C 328 -4.77 7.83 -27.90
C ALA C 328 -4.40 8.85 -28.96
N ASN C 329 -4.41 8.43 -30.22
CA ASN C 329 -4.20 9.37 -31.32
C ASN C 329 -5.37 10.39 -31.50
N LEU C 330 -6.65 9.97 -31.47
CA LEU C 330 -7.78 10.93 -31.55
C LEU C 330 -7.77 12.01 -30.44
N LYS C 331 -7.60 11.57 -29.18
CA LYS C 331 -7.46 12.50 -28.03
C LYS C 331 -6.11 13.24 -28.06
N GLY C 332 -5.09 12.57 -28.59
CA GLY C 332 -3.72 13.05 -28.53
C GLY C 332 -3.16 12.92 -27.14
N GLU C 333 -3.61 11.90 -26.38
CA GLU C 333 -3.13 11.64 -25.01
C GLU C 333 -2.85 10.15 -24.77
N SER C 334 -1.82 9.86 -23.97
CA SER C 334 -1.44 8.47 -23.61
C SER C 334 -2.30 7.90 -22.50
N ILE C 335 -3.48 7.41 -22.87
CA ILE C 335 -4.45 6.89 -21.91
C ILE C 335 -4.12 5.42 -21.57
N TRP C 336 -3.00 5.14 -20.91
CA TRP C 336 -2.66 3.75 -20.53
C TRP C 336 -3.66 3.21 -19.48
N LYS C 337 -4.58 2.36 -19.94
CA LYS C 337 -5.60 1.71 -19.10
C LYS C 337 -5.12 0.33 -18.67
N LEU C 338 -5.90 -0.26 -17.75
CA LEU C 338 -5.89 -1.66 -17.42
C LEU C 338 -6.80 -2.45 -18.40
N GLU C 339 -6.25 -3.48 -19.03
CA GLU C 339 -7.03 -4.42 -19.84
C GLU C 339 -7.88 -5.40 -19.00
N TYR C 340 -7.25 -6.05 -18.02
CA TYR C 340 -7.86 -7.17 -17.25
C TYR C 340 -6.93 -7.63 -16.11
N ILE C 341 -7.54 -8.20 -15.07
CA ILE C 341 -6.78 -8.97 -14.08
C ILE C 341 -6.93 -10.49 -14.35
N LEU C 342 -5.79 -11.19 -14.48
CA LEU C 342 -5.86 -12.55 -14.99
C LEU C 342 -6.74 -13.50 -14.11
N THR C 343 -6.70 -13.35 -12.78
CA THR C 343 -7.47 -14.26 -11.95
C THR C 343 -8.93 -13.84 -11.87
N GLN C 344 -9.17 -12.53 -11.97
CA GLN C 344 -10.52 -12.00 -11.94
C GLN C 344 -11.27 -12.34 -13.19
N THR C 345 -10.61 -12.16 -14.31
CA THR C 345 -11.32 -12.16 -15.59
C THR C 345 -11.85 -13.59 -15.86
N TYR C 346 -10.99 -14.57 -15.58
CA TYR C 346 -11.25 -15.98 -15.84
C TYR C 346 -11.76 -16.74 -14.60
N ASP C 347 -12.00 -16.03 -13.53
CA ASP C 347 -12.53 -16.63 -12.37
C ASP C 347 -11.74 -17.84 -12.04
N ILE C 348 -10.52 -17.59 -11.58
CA ILE C 348 -9.55 -18.62 -11.13
C ILE C 348 -8.72 -18.18 -9.91
N GLU C 349 -8.26 -19.16 -9.13
CA GLU C 349 -7.40 -19.00 -7.96
C GLU C 349 -6.10 -18.19 -8.12
N ASP C 350 -5.23 -18.67 -9.00
CA ASP C 350 -3.84 -18.22 -9.05
C ASP C 350 -3.25 -18.39 -10.48
N LEU C 351 -1.92 -18.45 -10.64
CA LEU C 351 -1.29 -18.70 -11.95
C LEU C 351 -0.52 -20.00 -11.93
N GLN C 352 -0.96 -20.87 -11.02
CA GLN C 352 -0.41 -22.20 -10.83
C GLN C 352 -0.73 -23.01 -12.07
N PRO C 353 0.13 -23.99 -12.43
CA PRO C 353 -0.11 -24.71 -13.70
C PRO C 353 -1.38 -25.59 -13.73
N GLU C 354 -1.83 -26.03 -12.54
CA GLU C 354 -3.09 -26.75 -12.39
C GLU C 354 -4.25 -25.78 -12.67
N SER C 355 -4.06 -24.54 -12.21
CA SER C 355 -5.02 -23.45 -12.40
C SER C 355 -5.20 -23.00 -13.87
N LEU C 356 -4.10 -23.03 -14.64
CA LEU C 356 -4.14 -22.58 -16.01
C LEU C 356 -4.49 -23.71 -16.97
N TYR C 357 -3.96 -24.91 -16.71
CA TYR C 357 -4.39 -26.09 -17.44
C TYR C 357 -5.91 -26.31 -17.36
N GLY C 358 -6.53 -25.88 -16.25
CA GLY C 358 -7.99 -25.98 -16.03
C GLY C 358 -8.81 -24.95 -16.79
N LEU C 359 -8.26 -23.74 -16.89
CA LEU C 359 -8.86 -22.68 -17.70
C LEU C 359 -8.78 -23.12 -19.12
N ALA C 360 -7.72 -23.84 -19.46
CA ALA C 360 -7.52 -24.21 -20.81
C ALA C 360 -8.58 -25.20 -21.20
N LYS C 361 -8.89 -26.14 -20.32
CA LYS C 361 -9.93 -27.16 -20.63
C LYS C 361 -11.28 -26.49 -20.78
N GLN C 362 -11.56 -25.51 -19.92
CA GLN C 362 -12.72 -24.61 -20.05
C GLN C 362 -12.80 -23.91 -21.44
N PHE C 363 -11.63 -23.60 -22.00
CA PHE C 363 -11.55 -23.08 -23.34
C PHE C 363 -12.16 -24.04 -24.36
N THR C 364 -11.96 -25.36 -24.17
CA THR C 364 -12.39 -26.45 -25.14
C THR C 364 -13.93 -26.77 -25.25
N ILE C 365 -14.72 -26.37 -24.24
CA ILE C 365 -16.19 -26.30 -24.31
C ILE C 365 -16.66 -25.66 -25.63
N LEU C 366 -17.73 -26.18 -26.21
CA LEU C 366 -18.25 -25.62 -27.46
C LEU C 366 -18.61 -24.19 -27.14
N ASP C 367 -18.41 -23.31 -28.12
CA ASP C 367 -18.52 -21.84 -27.99
C ASP C 367 -18.16 -21.27 -26.58
N SER C 368 -16.95 -21.59 -26.08
CA SER C 368 -16.56 -21.22 -24.71
C SER C 368 -16.44 -19.74 -24.61
N LYS C 369 -17.25 -19.20 -23.72
CA LYS C 369 -17.18 -17.79 -23.34
C LYS C 369 -15.78 -17.35 -22.92
N GLN C 370 -15.03 -18.25 -22.28
CA GLN C 370 -13.68 -17.97 -21.74
C GLN C 370 -12.67 -17.80 -22.85
N PHE C 371 -12.65 -18.76 -23.75
CA PHE C 371 -11.82 -18.60 -24.91
C PHE C 371 -12.12 -17.29 -25.68
N ILE C 372 -13.38 -16.89 -25.69
CA ILE C 372 -13.72 -15.72 -26.46
C ILE C 372 -12.92 -14.55 -25.85
N LYS C 373 -13.04 -14.37 -24.54
CA LYS C 373 -12.27 -13.35 -23.82
C LYS C 373 -10.84 -13.45 -24.31
N TYR C 374 -10.31 -14.68 -24.21
CA TYR C 374 -8.87 -14.96 -24.35
C TYR C 374 -8.35 -14.55 -25.71
N TYR C 375 -9.21 -14.62 -26.73
CA TYR C 375 -8.81 -14.24 -28.11
C TYR C 375 -8.94 -12.69 -28.36
N ASN C 376 -9.99 -12.12 -27.79
CA ASN C 376 -10.16 -10.67 -27.70
C ASN C 376 -8.89 -10.04 -27.13
N TYR C 377 -8.41 -10.66 -26.04
CA TYR C 377 -7.21 -10.25 -25.29
C TYR C 377 -5.88 -10.76 -25.88
N PHE C 378 -5.92 -11.76 -26.77
CA PHE C 378 -4.73 -12.26 -27.47
C PHE C 378 -4.11 -11.19 -28.42
N PHE C 379 -4.94 -10.41 -29.14
CA PHE C 379 -4.46 -9.25 -29.93
C PHE C 379 -4.56 -7.95 -29.15
N VAL C 380 -4.48 -8.10 -27.83
CA VAL C 380 -4.52 -7.03 -26.81
C VAL C 380 -5.76 -6.10 -26.87
N SER C 381 -6.94 -6.71 -26.97
CA SER C 381 -8.20 -5.98 -27.16
C SER C 381 -8.23 -5.09 -28.45
N TYR C 382 -7.32 -5.33 -29.42
CA TYR C 382 -7.15 -4.45 -30.60
C TYR C 382 -8.52 -4.19 -31.25
N ASP C 383 -9.05 -5.22 -31.93
CA ASP C 383 -10.45 -5.31 -32.34
C ASP C 383 -11.16 -6.24 -31.36
N SER C 384 -12.33 -5.79 -30.89
CA SER C 384 -13.11 -6.50 -29.89
C SER C 384 -14.34 -7.17 -30.50
N SER C 385 -14.70 -6.75 -31.70
CA SER C 385 -15.55 -7.58 -32.57
C SER C 385 -14.67 -8.55 -33.44
N VAL C 386 -13.60 -9.04 -32.86
CA VAL C 386 -12.77 -10.00 -33.53
C VAL C 386 -13.39 -11.35 -33.29
N THR C 387 -13.31 -12.23 -34.25
CA THR C 387 -13.85 -13.60 -34.14
C THR C 387 -12.80 -14.66 -34.52
N CYS C 388 -13.21 -15.91 -34.41
CA CYS C 388 -12.33 -17.06 -34.54
C CYS C 388 -13.12 -18.31 -35.00
N ASP C 389 -12.62 -19.11 -35.96
CA ASP C 389 -13.33 -20.31 -36.47
C ASP C 389 -12.72 -21.57 -35.85
N LYS C 390 -13.40 -22.73 -35.99
CA LYS C 390 -13.03 -23.95 -35.21
C LYS C 390 -11.55 -24.32 -35.33
N THR C 391 -10.97 -24.16 -36.53
CA THR C 391 -9.56 -24.52 -36.78
C THR C 391 -8.57 -23.63 -36.01
N CYS C 392 -8.58 -22.30 -36.28
CA CYS C 392 -7.84 -21.34 -35.45
C CYS C 392 -7.95 -21.68 -33.98
N LYS C 393 -9.17 -21.85 -33.50
CA LYS C 393 -9.36 -22.26 -32.12
C LYS C 393 -8.69 -23.60 -31.79
N ALA C 394 -8.75 -24.59 -32.67
CA ALA C 394 -8.10 -25.85 -32.39
C ALA C 394 -6.65 -25.61 -32.18
N PHE C 395 -6.06 -24.80 -33.07
CA PHE C 395 -4.61 -24.51 -33.09
C PHE C 395 -4.15 -23.76 -31.87
N GLN C 396 -5.00 -22.81 -31.46
CA GLN C 396 -4.82 -22.05 -30.23
C GLN C 396 -4.84 -23.01 -29.04
N ILE C 397 -5.85 -23.88 -29.01
CA ILE C 397 -6.02 -24.80 -27.90
C ILE C 397 -4.84 -25.73 -27.77
N CYS C 398 -4.44 -26.39 -28.86
CA CYS C 398 -3.35 -27.35 -28.79
C CYS C 398 -2.07 -26.75 -28.28
N ALA C 399 -1.83 -25.50 -28.68
CA ALA C 399 -0.60 -24.77 -28.39
C ALA C 399 -0.53 -24.41 -26.94
N ILE C 400 -1.67 -24.03 -26.37
CA ILE C 400 -1.74 -23.70 -24.95
C ILE C 400 -1.46 -24.91 -24.05
N MET C 401 -1.86 -26.11 -24.51
CA MET C 401 -1.74 -27.31 -23.69
C MET C 401 -0.61 -28.25 -24.10
N ASN C 402 -0.02 -28.08 -25.27
CA ASN C 402 0.99 -29.02 -25.72
C ASN C 402 2.22 -28.31 -26.28
N LEU C 403 3.34 -28.60 -25.65
CA LEU C 403 4.60 -27.95 -25.99
C LEU C 403 5.64 -28.84 -26.68
N ASP C 404 5.46 -30.17 -26.67
CA ASP C 404 6.40 -31.11 -27.32
C ASP C 404 5.72 -31.77 -28.50
N ASN C 405 6.48 -32.49 -29.31
CA ASN C 405 6.00 -32.92 -30.60
C ASN C 405 4.94 -33.93 -30.44
N ILE C 406 5.20 -34.88 -29.56
CA ILE C 406 4.24 -35.98 -29.35
C ILE C 406 2.85 -35.45 -28.97
N SER C 407 2.79 -34.68 -27.89
CA SER C 407 1.51 -34.17 -27.35
C SER C 407 0.74 -33.16 -28.28
N TYR C 408 1.48 -32.41 -29.11
CA TYR C 408 0.89 -31.43 -30.03
C TYR C 408 0.23 -32.03 -31.24
N ALA C 409 0.66 -33.23 -31.61
CA ALA C 409 0.01 -33.99 -32.68
C ALA C 409 -1.22 -34.73 -32.14
N ASP C 410 -1.04 -35.47 -31.04
CA ASP C 410 -2.12 -36.16 -30.29
C ASP C 410 -3.32 -35.23 -30.19
N CYS C 411 -3.03 -33.94 -30.01
CA CYS C 411 -4.07 -32.93 -29.83
C CYS C 411 -4.82 -32.65 -31.14
N LEU C 412 -4.11 -32.77 -32.24
CA LEU C 412 -4.69 -32.70 -33.56
C LEU C 412 -5.22 -34.06 -33.95
N LYS C 413 -6.05 -34.62 -33.06
CA LYS C 413 -6.78 -35.87 -33.17
C LYS C 413 -8.16 -35.32 -33.12
N GLN C 414 -8.29 -34.25 -33.87
CA GLN C 414 -9.50 -33.41 -34.02
C GLN C 414 -9.53 -33.06 -35.52
N LEU C 415 -8.48 -32.37 -35.99
CA LEU C 415 -8.29 -32.11 -37.41
C LEU C 415 -7.94 -33.39 -38.18
#